data_7ZGM
#
_entry.id   7ZGM
#
_cell.length_a   65.941
_cell.length_b   84.335
_cell.length_c   132.581
_cell.angle_alpha   90.000
_cell.angle_beta   90.000
_cell.angle_gamma   90.000
#
_symmetry.space_group_name_H-M   'P 21 21 21'
#
loop_
_entity.id
_entity.type
_entity.pdbx_description
1 polymer 'Glycoside hydrolase family 92 protein'
2 non-polymer 'POTASSIUM ION'
3 non-polymer 'SODIUM ION'
4 non-polymer 'CALCIUM ION'
5 water water
#
_entity_poly.entity_id   1
_entity_poly.type   'polypeptide(L)'
_entity_poly.pdbx_seq_one_letter_code
;TDYTKYVNTFIGAADNGHTFPGACRPFGMIQTSPVTGAVGWRYCSEYVNSDSIIWGFTQTHLNGTGCMDLGDVLVMPVTG
TRTRAWDAYRSRFSKKLEAATPGYYTVELTEPNVKAELTATPHAALHRYTYHNADSASVLIDLQHGPTWNENQYHSQVKE
CEVNWEDAQTLTGHVRNSVWVNQDYFFVMKFNRPVTDSLYLPMGETEKGKRIIASFDMQPGEELLMKVALSTTGIEGARK
NMEAEVPAWDFEGVKKTAHDDWNSYLSRIDVTGTEDEKTNFYTCFYHALIQPNQISDVDGLYRNAADSVVKAGTGTFYST
FSLWDTYRAAHPFYTLMVPEKVDGFVNSLVEQSEVQGFLPIWGLWGKETYTMVGNHGVSVIAEAYRKGFRGFDAERAFNA
IKQTQTVSHKQKSDWETYMKYGYFPTDLIKTESVSSSLESVYDDYAAADMAKRMGKTEDAAYFSKRADFYKNLFDTETQF
MRPRNSNGTWKTPFNPSQVAHAESTGGDYTEGNAWQYTWHVQHDVPGLISLFGGEEPFLNKLDSLFTLKLETTQADVTGL
IGQYAHGNEPSHHITYLYALAGRPERTQELVREIFDTQYHPEPDGLCGNDDCGQMSAWYMFSAMGFYPVDPVSGNYVFGA
PQMPKIVLHLADGKTFTVIADGISKEHKYIDSITLNGEPYTKNYISHEDILKGGTLVYKMKLEHHHHHH
;
_entity_poly.pdbx_strand_id   A
#
loop_
_chem_comp.id
_chem_comp.type
_chem_comp.name
_chem_comp.formula
CA non-polymer 'CALCIUM ION' 'Ca 2'
K non-polymer 'POTASSIUM ION' 'K 1'
NA non-polymer 'SODIUM ION' 'Na 1'
#
# COMPACT_ATOMS: atom_id res chain seq x y z
N THR A 1 9.39 -22.45 13.24
CA THR A 1 8.02 -21.98 13.54
C THR A 1 7.33 -21.52 12.25
N ASP A 2 6.03 -21.73 12.19
CA ASP A 2 5.23 -21.32 11.05
C ASP A 2 4.56 -19.98 11.34
N TYR A 3 5.20 -18.86 10.94
CA TYR A 3 4.71 -17.52 11.23
CA TYR A 3 4.66 -17.55 11.29
C TYR A 3 3.46 -17.20 10.41
N THR A 4 3.25 -17.92 9.30
CA THR A 4 2.05 -17.69 8.49
C THR A 4 0.78 -17.93 9.30
N LYS A 5 0.85 -18.74 10.37
CA LYS A 5 -0.32 -19.04 11.16
C LYS A 5 -0.82 -17.79 11.90
N TYR A 6 0.04 -16.77 12.05
CA TYR A 6 -0.37 -15.52 12.69
C TYR A 6 -0.91 -14.50 11.71
N VAL A 7 -0.92 -14.81 10.42
CA VAL A 7 -1.49 -13.90 9.45
C VAL A 7 -2.98 -14.23 9.31
N ASN A 8 -3.82 -13.24 9.60
CA ASN A 8 -5.25 -13.35 9.32
C ASN A 8 -5.56 -12.43 8.13
N THR A 9 -5.72 -13.03 6.94
CA THR A 9 -5.85 -12.23 5.73
C THR A 9 -7.21 -11.53 5.66
N PHE A 10 -8.14 -11.85 6.57
CA PHE A 10 -9.43 -11.18 6.62
C PHE A 10 -9.36 -9.87 7.41
N ILE A 11 -8.25 -9.61 8.12
CA ILE A 11 -8.11 -8.34 8.82
C ILE A 11 -8.10 -7.20 7.80
N GLY A 12 -9.00 -6.24 8.01
CA GLY A 12 -9.13 -5.11 7.11
C GLY A 12 -10.12 -5.29 5.97
N ALA A 13 -10.83 -6.43 5.94
CA ALA A 13 -11.87 -6.70 4.97
C ALA A 13 -13.14 -5.96 5.38
N ALA A 14 -13.10 -4.65 5.19
CA ALA A 14 -14.11 -3.76 5.74
C ALA A 14 -13.95 -2.40 5.06
N ASP A 15 -14.95 -1.55 5.25
CA ASP A 15 -14.94 -0.21 4.68
C ASP A 15 -13.71 0.55 5.17
N ASN A 16 -13.32 0.31 6.43
CA ASN A 16 -12.06 0.78 6.97
C ASN A 16 -11.07 -0.37 6.91
N GLY A 17 -10.17 -0.32 5.93
CA GLY A 17 -9.16 -1.34 5.74
C GLY A 17 -8.87 -1.58 4.27
N HIS A 18 -9.91 -1.98 3.53
CA HIS A 18 -9.85 -2.19 2.09
C HIS A 18 -8.76 -3.19 1.73
N THR A 19 -8.60 -4.23 2.56
CA THR A 19 -7.69 -5.31 2.25
C THR A 19 -8.42 -6.38 1.43
N PHE A 20 -7.67 -7.41 0.99
CA PHE A 20 -8.24 -8.54 0.28
C PHE A 20 -7.77 -9.83 0.95
N PRO A 21 -8.62 -10.87 1.03
CA PRO A 21 -8.25 -12.10 1.73
C PRO A 21 -7.62 -13.21 0.91
N GLY A 22 -7.61 -13.05 -0.41
CA GLY A 22 -7.18 -14.12 -1.30
C GLY A 22 -5.68 -14.25 -1.48
N ALA A 23 -5.31 -15.20 -2.35
CA ALA A 23 -3.95 -15.70 -2.44
C ALA A 23 -3.04 -14.78 -3.26
N CYS A 24 -1.86 -14.52 -2.71
CA CYS A 24 -0.84 -13.79 -3.44
C CYS A 24 0.55 -14.23 -2.96
N ARG A 25 1.57 -13.84 -3.72
CA ARG A 25 2.96 -13.97 -3.31
C ARG A 25 3.48 -12.59 -2.92
N PRO A 26 4.51 -12.51 -2.05
CA PRO A 26 5.15 -11.24 -1.74
C PRO A 26 5.61 -10.53 -3.01
N PHE A 27 5.21 -9.26 -3.13
CA PHE A 27 5.60 -8.40 -4.25
C PHE A 27 5.19 -9.00 -5.61
N GLY A 28 4.10 -9.80 -5.61
CA GLY A 28 3.71 -10.51 -6.82
C GLY A 28 2.80 -9.68 -7.73
N MET A 29 2.49 -10.24 -8.89
CA MET A 29 1.59 -9.62 -9.85
C MET A 29 0.16 -10.14 -9.67
N ILE A 30 -0.02 -11.28 -9.00
CA ILE A 30 -1.32 -11.93 -8.86
C ILE A 30 -1.78 -11.83 -7.41
N GLN A 31 -3.03 -11.37 -7.25
CA GLN A 31 -3.75 -11.38 -6.00
C GLN A 31 -5.13 -11.94 -6.32
N THR A 32 -5.27 -13.28 -6.23
CA THR A 32 -6.46 -13.96 -6.70
C THR A 32 -7.41 -14.10 -5.52
N SER A 33 -8.58 -13.48 -5.63
CA SER A 33 -9.35 -13.18 -4.44
C SER A 33 -10.83 -13.01 -4.79
N PRO A 34 -11.75 -13.36 -3.88
CA PRO A 34 -13.18 -13.20 -4.11
C PRO A 34 -13.65 -11.76 -4.27
N VAL A 35 -14.63 -11.57 -5.16
CA VAL A 35 -15.41 -10.36 -5.28
C VAL A 35 -16.74 -10.58 -4.57
N THR A 36 -17.06 -9.70 -3.61
CA THR A 36 -18.32 -9.81 -2.89
C THR A 36 -19.13 -8.53 -3.07
N GLY A 37 -20.42 -8.68 -2.84
CA GLY A 37 -21.31 -7.54 -2.83
C GLY A 37 -22.43 -7.73 -1.83
N ALA A 38 -23.25 -6.69 -1.70
CA ALA A 38 -24.40 -6.72 -0.83
C ALA A 38 -25.58 -6.16 -1.63
N VAL A 39 -26.31 -5.20 -1.05
CA VAL A 39 -27.49 -4.66 -1.72
C VAL A 39 -27.14 -3.29 -2.27
N GLY A 40 -27.32 -3.14 -3.59
CA GLY A 40 -26.91 -1.93 -4.28
C GLY A 40 -25.44 -2.00 -4.63
N TRP A 41 -24.86 -0.85 -4.97
CA TRP A 41 -23.50 -0.79 -5.48
C TRP A 41 -22.57 -0.21 -4.44
N ARG A 42 -21.49 -0.93 -4.13
CA ARG A 42 -20.47 -0.43 -3.21
C ARG A 42 -19.44 0.38 -3.99
N TYR A 43 -19.07 1.56 -3.52
CA TYR A 43 -18.15 2.40 -4.27
C TYR A 43 -16.79 1.73 -4.44
N CYS A 44 -16.25 1.16 -3.34
CA CYS A 44 -14.85 0.77 -3.32
C CYS A 44 -14.66 -0.56 -2.60
N SER A 45 -13.57 -1.23 -2.98
CA SER A 45 -13.09 -2.50 -2.46
C SER A 45 -13.91 -3.67 -3.01
N GLU A 46 -13.19 -4.72 -3.41
CA GLU A 46 -13.83 -5.87 -4.02
C GLU A 46 -14.40 -6.85 -3.00
N TYR A 47 -13.94 -6.79 -1.74
CA TYR A 47 -14.36 -7.77 -0.74
C TYR A 47 -14.55 -7.06 0.60
N VAL A 48 -15.68 -7.33 1.26
CA VAL A 48 -15.82 -6.97 2.67
C VAL A 48 -16.41 -8.17 3.42
N ASN A 49 -15.98 -8.31 4.68
CA ASN A 49 -16.23 -9.50 5.48
C ASN A 49 -17.72 -9.65 5.82
N SER A 50 -18.46 -8.53 5.85
CA SER A 50 -19.87 -8.58 6.20
C SER A 50 -20.75 -9.03 5.03
N ASP A 51 -20.22 -9.05 3.79
CA ASP A 51 -20.99 -9.50 2.64
C ASP A 51 -21.22 -11.00 2.69
N SER A 52 -22.29 -11.47 2.04
CA SER A 52 -22.58 -12.90 1.97
C SER A 52 -22.84 -13.36 0.54
N ILE A 53 -22.48 -12.54 -0.46
CA ILE A 53 -22.67 -12.88 -1.86
C ILE A 53 -21.34 -12.72 -2.60
N ILE A 54 -20.90 -13.80 -3.26
CA ILE A 54 -19.70 -13.80 -4.10
C ILE A 54 -20.11 -13.69 -5.58
N TRP A 55 -19.47 -12.76 -6.29
CA TRP A 55 -19.67 -12.56 -7.72
C TRP A 55 -18.75 -13.47 -8.54
N GLY A 56 -17.59 -13.78 -7.97
CA GLY A 56 -16.54 -14.51 -8.65
C GLY A 56 -15.19 -14.19 -8.00
N PHE A 57 -14.12 -14.53 -8.71
CA PHE A 57 -12.77 -14.35 -8.24
C PHE A 57 -11.97 -13.64 -9.33
N THR A 58 -11.30 -12.54 -8.95
CA THR A 58 -10.46 -11.80 -9.88
C THR A 58 -9.00 -11.98 -9.48
N GLN A 59 -8.07 -11.62 -10.37
CA GLN A 59 -6.70 -12.09 -10.29
C GLN A 59 -5.71 -11.01 -9.83
N THR A 60 -6.15 -9.76 -9.72
CA THR A 60 -5.29 -8.63 -9.39
C THR A 60 -6.01 -7.75 -8.37
N HIS A 61 -5.30 -7.34 -7.32
CA HIS A 61 -5.88 -6.47 -6.30
C HIS A 61 -4.83 -5.58 -5.67
N LEU A 62 -5.27 -4.36 -5.33
CA LEU A 62 -4.50 -3.47 -4.49
C LEU A 62 -4.96 -3.64 -3.04
N ASN A 63 -3.99 -3.48 -2.15
CA ASN A 63 -4.18 -3.65 -0.72
C ASN A 63 -4.32 -2.29 -0.03
N GLY A 64 -5.55 -1.96 0.40
CA GLY A 64 -5.78 -0.87 1.33
C GLY A 64 -5.84 0.51 0.70
N THR A 65 -6.08 0.59 -0.62
CA THR A 65 -6.24 1.85 -1.31
C THR A 65 -7.61 2.44 -0.97
N GLY A 66 -7.74 3.74 -1.17
CA GLY A 66 -9.01 4.43 -1.01
C GLY A 66 -10.07 3.89 -1.98
N CYS A 67 -9.74 3.85 -3.28
CA CYS A 67 -10.70 3.34 -4.24
C CYS A 67 -10.09 2.74 -5.50
N MET A 68 -8.85 3.10 -5.86
CA MET A 68 -8.24 2.50 -7.05
C MET A 68 -8.11 0.99 -6.81
N ASP A 69 -8.36 0.22 -7.87
CA ASP A 69 -8.15 -1.21 -7.82
C ASP A 69 -7.98 -1.73 -9.24
N LEU A 70 -7.61 -3.01 -9.35
CA LEU A 70 -7.35 -3.67 -10.61
C LEU A 70 -8.46 -4.68 -10.91
N GLY A 71 -8.58 -5.77 -10.17
CA GLY A 71 -9.75 -6.63 -10.25
C GLY A 71 -9.99 -7.25 -11.62
N ASP A 72 -8.95 -7.85 -12.21
CA ASP A 72 -8.99 -8.33 -13.58
C ASP A 72 -9.29 -9.82 -13.70
N VAL A 73 -10.08 -10.15 -14.73
CA VAL A 73 -10.44 -11.52 -15.12
C VAL A 73 -11.25 -12.20 -14.02
N LEU A 74 -12.57 -11.97 -14.05
CA LEU A 74 -13.45 -12.62 -13.10
C LEU A 74 -13.77 -14.03 -13.59
N VAL A 75 -13.57 -15.02 -12.70
CA VAL A 75 -13.99 -16.38 -12.96
C VAL A 75 -14.95 -16.82 -11.85
N MET A 76 -15.93 -17.63 -12.22
CA MET A 76 -16.94 -18.09 -11.27
C MET A 76 -17.40 -19.48 -11.71
N PRO A 77 -17.28 -20.51 -10.85
CA PRO A 77 -17.92 -21.80 -11.17
C PRO A 77 -19.43 -21.65 -11.32
N VAL A 78 -20.00 -22.41 -12.26
CA VAL A 78 -21.41 -22.39 -12.58
C VAL A 78 -21.90 -23.83 -12.75
N THR A 79 -23.11 -24.10 -12.25
CA THR A 79 -23.80 -25.36 -12.53
C THR A 79 -25.24 -25.04 -12.92
N GLY A 80 -25.93 -26.03 -13.50
CA GLY A 80 -27.29 -25.83 -13.96
C GLY A 80 -27.34 -24.97 -15.22
N THR A 81 -28.32 -24.07 -15.27
CA THR A 81 -28.60 -23.28 -16.46
C THR A 81 -27.37 -22.47 -16.87
N ARG A 82 -27.00 -22.54 -18.16
CA ARG A 82 -25.77 -21.93 -18.64
C ARG A 82 -26.00 -20.48 -19.01
N THR A 83 -27.14 -20.17 -19.65
CA THR A 83 -27.40 -18.81 -20.14
C THR A 83 -28.32 -18.08 -19.19
N ARG A 84 -27.80 -16.98 -18.63
CA ARG A 84 -28.48 -16.15 -17.66
C ARG A 84 -28.05 -14.71 -17.87
N ALA A 85 -28.71 -13.79 -17.16
CA ALA A 85 -28.29 -12.39 -17.11
C ALA A 85 -26.89 -12.30 -16.48
N TRP A 86 -26.19 -11.21 -16.79
CA TRP A 86 -24.80 -11.02 -16.38
C TRP A 86 -24.63 -11.08 -14.86
N ASP A 87 -25.67 -10.69 -14.11
CA ASP A 87 -25.61 -10.57 -12.67
C ASP A 87 -26.25 -11.77 -11.95
N ALA A 88 -26.50 -12.87 -12.67
CA ALA A 88 -27.31 -13.97 -12.16
C ALA A 88 -26.47 -15.23 -11.89
N TYR A 89 -25.14 -15.10 -11.83
CA TYR A 89 -24.26 -16.23 -11.56
C TYR A 89 -23.65 -16.15 -10.15
N ARG A 90 -24.18 -15.26 -9.30
CA ARG A 90 -23.59 -15.01 -8.01
CA ARG A 90 -23.58 -15.00 -8.01
C ARG A 90 -24.02 -16.10 -7.03
N SER A 91 -23.33 -16.17 -5.88
CA SER A 91 -23.57 -17.23 -4.92
C SER A 91 -23.49 -16.72 -3.49
N ARG A 92 -24.40 -17.22 -2.65
CA ARG A 92 -24.23 -17.16 -1.21
C ARG A 92 -23.07 -18.08 -0.80
N PHE A 93 -22.58 -17.86 0.41
CA PHE A 93 -21.58 -18.73 1.01
C PHE A 93 -21.62 -18.59 2.52
N SER A 94 -21.15 -19.65 3.19
CA SER A 94 -21.03 -19.64 4.63
CA SER A 94 -21.01 -19.70 4.63
C SER A 94 -19.61 -19.24 5.03
N LYS A 95 -19.57 -18.36 6.04
CA LYS A 95 -18.37 -17.91 6.71
C LYS A 95 -17.67 -19.07 7.37
N LYS A 96 -18.42 -20.03 7.92
CA LYS A 96 -17.80 -21.12 8.66
C LYS A 96 -16.78 -21.86 7.80
N LEU A 97 -17.06 -22.05 6.50
CA LEU A 97 -16.21 -22.88 5.67
C LEU A 97 -15.32 -22.03 4.76
N GLU A 98 -15.28 -20.72 4.99
CA GLU A 98 -14.36 -19.85 4.28
C GLU A 98 -13.05 -19.82 5.08
N ALA A 99 -11.90 -19.92 4.41
CA ALA A 99 -10.63 -19.92 5.14
C ALA A 99 -9.53 -19.39 4.23
N ALA A 100 -8.46 -18.92 4.87
CA ALA A 100 -7.32 -18.42 4.13
C ALA A 100 -6.08 -18.50 5.00
N THR A 101 -4.93 -18.66 4.31
CA THR A 101 -3.61 -18.55 4.90
C THR A 101 -2.72 -18.00 3.79
N PRO A 102 -1.62 -17.27 4.09
CA PRO A 102 -0.78 -16.74 3.02
C PRO A 102 -0.53 -17.75 1.90
N GLY A 103 -0.94 -17.36 0.69
CA GLY A 103 -0.80 -18.19 -0.50
C GLY A 103 -2.05 -19.01 -0.84
N TYR A 104 -3.13 -18.90 -0.07
CA TYR A 104 -4.25 -19.82 -0.20
C TYR A 104 -5.57 -19.22 0.30
N TYR A 105 -6.65 -19.53 -0.42
CA TYR A 105 -8.01 -19.18 -0.03
C TYR A 105 -8.98 -20.27 -0.44
N THR A 106 -10.00 -20.53 0.39
CA THR A 106 -11.03 -21.50 0.05
C THR A 106 -12.39 -21.01 0.54
N VAL A 107 -13.45 -21.37 -0.20
CA VAL A 107 -14.80 -21.01 0.18
C VAL A 107 -15.79 -22.02 -0.39
N GLU A 108 -16.93 -22.23 0.30
CA GLU A 108 -17.93 -23.12 -0.31
C GLU A 108 -19.03 -22.26 -0.94
N LEU A 109 -19.26 -22.42 -2.26
CA LEU A 109 -20.26 -21.62 -2.98
C LEU A 109 -21.59 -22.38 -3.02
N THR A 110 -22.59 -21.87 -2.28
CA THR A 110 -23.86 -22.56 -2.08
C THR A 110 -24.66 -22.73 -3.38
N GLU A 111 -24.73 -21.68 -4.21
CA GLU A 111 -25.62 -21.70 -5.37
C GLU A 111 -25.19 -22.75 -6.39
N PRO A 112 -23.95 -22.69 -6.95
CA PRO A 112 -23.51 -23.73 -7.88
C PRO A 112 -23.21 -25.06 -7.18
N ASN A 113 -23.00 -25.01 -5.85
CA ASN A 113 -22.68 -26.17 -5.05
C ASN A 113 -21.29 -26.68 -5.46
N VAL A 114 -20.32 -25.78 -5.28
CA VAL A 114 -18.96 -25.98 -5.72
C VAL A 114 -18.05 -25.43 -4.63
N LYS A 115 -17.01 -26.19 -4.27
CA LYS A 115 -15.94 -25.65 -3.45
C LYS A 115 -14.89 -25.02 -4.35
N ALA A 116 -14.43 -23.82 -3.96
CA ALA A 116 -13.34 -23.16 -4.67
C ALA A 116 -12.12 -23.05 -3.76
N GLU A 117 -10.96 -23.33 -4.33
CA GLU A 117 -9.67 -23.17 -3.67
C GLU A 117 -8.76 -22.41 -4.62
N LEU A 118 -8.03 -21.41 -4.09
CA LEU A 118 -7.20 -20.54 -4.88
C LEU A 118 -5.78 -20.54 -4.32
N THR A 119 -4.79 -20.58 -5.22
CA THR A 119 -3.41 -20.29 -4.87
C THR A 119 -2.81 -19.49 -6.01
N ALA A 120 -1.56 -19.07 -5.82
CA ALA A 120 -0.91 -18.14 -6.72
C ALA A 120 0.60 -18.34 -6.74
N THR A 121 1.16 -18.03 -7.90
CA THR A 121 2.58 -17.80 -8.11
C THR A 121 2.76 -16.31 -8.38
N PRO A 122 3.98 -15.80 -8.69
CA PRO A 122 4.10 -14.37 -8.98
C PRO A 122 3.28 -13.88 -10.16
N HIS A 123 3.11 -14.72 -11.21
CA HIS A 123 2.42 -14.29 -12.42
C HIS A 123 1.16 -15.09 -12.73
N ALA A 124 0.85 -16.14 -11.94
CA ALA A 124 -0.29 -16.98 -12.27
C ALA A 124 -1.18 -17.24 -11.05
N ALA A 125 -2.48 -17.40 -11.34
CA ALA A 125 -3.44 -17.94 -10.39
C ALA A 125 -3.72 -19.38 -10.77
N LEU A 126 -3.89 -20.24 -9.77
CA LEU A 126 -4.27 -21.61 -9.97
C LEU A 126 -5.43 -21.91 -9.03
N HIS A 127 -6.54 -22.37 -9.64
CA HIS A 127 -7.76 -22.66 -8.90
C HIS A 127 -8.11 -24.13 -9.00
N ARG A 128 -8.70 -24.65 -7.91
CA ARG A 128 -9.23 -26.00 -7.87
C ARG A 128 -10.69 -25.90 -7.47
N TYR A 129 -11.58 -26.31 -8.39
CA TYR A 129 -13.01 -26.27 -8.14
C TYR A 129 -13.52 -27.70 -7.98
N THR A 130 -14.22 -27.98 -6.88
CA THR A 130 -14.80 -29.30 -6.66
C THR A 130 -16.31 -29.18 -6.84
N TYR A 131 -16.83 -29.88 -7.87
CA TYR A 131 -18.22 -29.78 -8.25
C TYR A 131 -19.02 -30.82 -7.51
N HIS A 132 -19.64 -30.42 -6.39
CA HIS A 132 -20.49 -31.32 -5.63
C HIS A 132 -21.70 -31.64 -6.51
N ASN A 133 -22.20 -30.61 -7.23
CA ASN A 133 -23.11 -30.75 -8.35
C ASN A 133 -22.28 -30.58 -9.63
N ALA A 134 -22.42 -31.48 -10.62
CA ALA A 134 -21.62 -31.44 -11.86
C ALA A 134 -22.47 -31.40 -13.15
N ASP A 135 -23.75 -31.03 -12.90
CA ASP A 135 -24.76 -30.68 -13.89
C ASP A 135 -24.29 -29.48 -14.70
N SER A 136 -24.03 -29.75 -15.99
CA SER A 136 -23.56 -28.73 -16.88
C SER A 136 -22.43 -27.96 -16.22
N ALA A 137 -21.54 -28.69 -15.53
CA ALA A 137 -20.39 -28.08 -14.87
C ALA A 137 -19.77 -27.09 -15.84
N SER A 138 -19.65 -25.83 -15.39
CA SER A 138 -19.20 -24.75 -16.23
C SER A 138 -18.37 -23.75 -15.42
N VAL A 139 -17.69 -22.86 -16.14
CA VAL A 139 -17.03 -21.71 -15.56
C VAL A 139 -17.42 -20.48 -16.37
N LEU A 140 -17.84 -19.42 -15.66
CA LEU A 140 -17.98 -18.10 -16.25
C LEU A 140 -16.62 -17.41 -16.25
N ILE A 141 -16.22 -16.90 -17.41
CA ILE A 141 -15.06 -16.03 -17.58
C ILE A 141 -15.57 -14.68 -18.04
N ASP A 142 -15.45 -13.68 -17.17
CA ASP A 142 -16.07 -12.38 -17.40
C ASP A 142 -14.98 -11.34 -17.50
N LEU A 143 -14.74 -10.88 -18.73
CA LEU A 143 -13.69 -9.91 -19.02
C LEU A 143 -14.21 -8.48 -19.00
N GLN A 144 -15.53 -8.28 -18.84
CA GLN A 144 -16.08 -6.94 -18.66
C GLN A 144 -15.84 -6.46 -17.23
N HIS A 145 -15.87 -7.40 -16.29
CA HIS A 145 -15.86 -7.03 -14.88
C HIS A 145 -14.62 -6.23 -14.52
N GLY A 146 -14.84 -5.20 -13.72
CA GLY A 146 -13.77 -4.55 -13.02
C GLY A 146 -14.32 -3.65 -11.92
N PRO A 147 -13.43 -3.20 -11.01
CA PRO A 147 -13.82 -2.38 -9.87
C PRO A 147 -14.09 -0.94 -10.28
N THR A 148 -15.34 -0.52 -10.11
CA THR A 148 -15.77 0.82 -10.45
C THR A 148 -16.67 1.36 -9.35
N TRP A 149 -16.76 2.67 -9.19
CA TRP A 149 -17.56 3.21 -8.10
C TRP A 149 -19.04 3.37 -8.48
N ASN A 150 -19.38 3.20 -9.77
CA ASN A 150 -20.79 3.15 -10.15
C ASN A 150 -21.00 2.16 -11.30
N GLU A 151 -22.25 1.79 -11.53
CA GLU A 151 -22.59 0.76 -12.50
C GLU A 151 -22.48 1.28 -13.93
N ASN A 152 -22.71 2.57 -14.17
CA ASN A 152 -22.56 3.13 -15.51
CA ASN A 152 -22.55 3.14 -15.51
C ASN A 152 -21.10 2.93 -15.98
N GLN A 153 -20.16 3.24 -15.10
CA GLN A 153 -18.73 3.06 -15.34
C GLN A 153 -18.45 1.58 -15.62
N TYR A 154 -19.08 0.71 -14.83
CA TYR A 154 -18.85 -0.73 -14.92
C TYR A 154 -19.13 -1.26 -16.32
N HIS A 155 -20.22 -0.78 -16.94
CA HIS A 155 -20.64 -1.32 -18.23
C HIS A 155 -19.93 -0.63 -19.40
N SER A 156 -19.05 0.34 -19.13
CA SER A 156 -18.32 1.03 -20.18
CA SER A 156 -18.31 1.05 -20.17
C SER A 156 -16.80 0.96 -19.97
N GLN A 157 -16.34 0.21 -18.95
CA GLN A 157 -14.94 0.32 -18.54
C GLN A 157 -13.96 -0.33 -19.52
N VAL A 158 -14.40 -1.34 -20.28
CA VAL A 158 -13.51 -1.99 -21.23
C VAL A 158 -13.47 -1.19 -22.53
N LYS A 159 -12.26 -0.94 -23.00
CA LYS A 159 -12.05 -0.19 -24.23
C LYS A 159 -11.87 -1.14 -25.41
N GLU A 160 -11.26 -2.30 -25.15
CA GLU A 160 -11.01 -3.30 -26.18
C GLU A 160 -10.88 -4.66 -25.52
N CYS A 161 -11.29 -5.70 -26.23
CA CYS A 161 -11.17 -7.06 -25.75
C CYS A 161 -11.18 -8.01 -26.94
N GLU A 162 -10.19 -8.91 -26.96
CA GLU A 162 -10.09 -9.94 -27.98
C GLU A 162 -9.70 -11.23 -27.27
N VAL A 163 -10.38 -12.33 -27.61
CA VAL A 163 -10.04 -13.63 -27.07
C VAL A 163 -9.96 -14.65 -28.19
N ASN A 164 -9.26 -15.74 -27.91
CA ASN A 164 -9.09 -16.81 -28.85
C ASN A 164 -9.02 -18.13 -28.09
N TRP A 165 -9.79 -19.14 -28.52
CA TRP A 165 -9.57 -20.50 -28.08
C TRP A 165 -8.49 -21.13 -28.95
N GLU A 166 -7.31 -21.40 -28.36
CA GLU A 166 -6.22 -22.01 -29.10
C GLU A 166 -6.49 -23.49 -29.30
N ASP A 167 -7.10 -24.11 -28.29
CA ASP A 167 -7.43 -25.52 -28.32
C ASP A 167 -8.53 -25.74 -27.30
N ALA A 168 -8.91 -26.99 -27.06
CA ALA A 168 -10.05 -27.30 -26.21
C ALA A 168 -9.77 -27.04 -24.73
N GLN A 169 -8.52 -26.70 -24.37
CA GLN A 169 -8.18 -26.47 -22.97
C GLN A 169 -7.53 -25.10 -22.75
N THR A 170 -7.44 -24.25 -23.78
CA THR A 170 -6.64 -23.03 -23.70
C THR A 170 -7.37 -21.84 -24.33
N LEU A 171 -7.57 -20.80 -23.51
CA LEU A 171 -8.16 -19.54 -23.92
C LEU A 171 -7.10 -18.45 -23.73
N THR A 172 -6.92 -17.59 -24.74
CA THR A 172 -5.98 -16.50 -24.63
C THR A 172 -6.72 -15.20 -24.93
N GLY A 173 -6.15 -14.08 -24.51
CA GLY A 173 -6.81 -12.83 -24.80
C GLY A 173 -6.04 -11.59 -24.36
N HIS A 174 -6.67 -10.45 -24.72
CA HIS A 174 -6.17 -9.12 -24.47
C HIS A 174 -7.35 -8.25 -24.04
N VAL A 175 -7.14 -7.45 -23.00
CA VAL A 175 -8.12 -6.49 -22.53
C VAL A 175 -7.42 -5.16 -22.32
N ARG A 176 -8.07 -4.08 -22.74
CA ARG A 176 -7.67 -2.75 -22.33
C ARG A 176 -8.83 -2.11 -21.57
N ASN A 177 -8.54 -1.56 -20.39
CA ASN A 177 -9.57 -0.84 -19.64
C ASN A 177 -8.97 0.45 -19.11
N SER A 178 -9.84 1.34 -18.58
CA SER A 178 -9.58 2.78 -18.56
C SER A 178 -9.79 3.47 -17.21
N VAL A 179 -10.37 2.78 -16.21
CA VAL A 179 -11.11 3.44 -15.14
C VAL A 179 -10.23 4.31 -14.22
N TRP A 180 -9.32 3.64 -13.52
CA TRP A 180 -8.42 4.21 -12.51
C TRP A 180 -7.08 4.50 -13.16
N VAL A 181 -6.78 3.67 -14.16
CA VAL A 181 -5.54 3.67 -14.88
C VAL A 181 -5.82 2.95 -16.20
N ASN A 182 -5.14 3.49 -17.23
CA ASN A 182 -5.07 2.92 -18.57
C ASN A 182 -4.23 1.65 -18.55
N GLN A 183 -4.93 0.53 -18.63
CA GLN A 183 -4.33 -0.76 -18.36
C GLN A 183 -4.53 -1.67 -19.58
N ASP A 184 -3.44 -2.22 -20.11
CA ASP A 184 -3.49 -3.34 -21.03
C ASP A 184 -3.01 -4.59 -20.31
N TYR A 185 -3.74 -5.70 -20.42
CA TYR A 185 -3.23 -6.98 -19.98
C TYR A 185 -3.54 -8.04 -21.02
N PHE A 186 -2.72 -9.07 -20.98
CA PHE A 186 -2.84 -10.24 -21.82
C PHE A 186 -2.84 -11.45 -20.90
N PHE A 187 -3.55 -12.51 -21.32
CA PHE A 187 -3.66 -13.68 -20.49
C PHE A 187 -3.63 -14.95 -21.31
N VAL A 188 -3.17 -16.01 -20.66
CA VAL A 188 -3.33 -17.39 -21.09
C VAL A 188 -4.02 -18.12 -19.96
N MET A 189 -5.16 -18.74 -20.27
CA MET A 189 -5.93 -19.49 -19.31
C MET A 189 -6.05 -20.93 -19.80
N LYS A 190 -5.74 -21.87 -18.91
CA LYS A 190 -5.81 -23.29 -19.25
C LYS A 190 -6.69 -24.02 -18.25
N PHE A 191 -7.38 -25.06 -18.74
CA PHE A 191 -8.15 -25.97 -17.91
C PHE A 191 -7.57 -27.36 -18.01
N ASN A 192 -7.69 -28.16 -16.95
CA ASN A 192 -7.13 -29.50 -16.95
C ASN A 192 -8.12 -30.53 -17.49
N ARG A 193 -9.31 -30.08 -17.90
CA ARG A 193 -10.25 -30.92 -18.63
C ARG A 193 -10.62 -30.22 -19.93
N PRO A 194 -10.96 -30.98 -20.99
CA PRO A 194 -11.41 -30.38 -22.24
C PRO A 194 -12.73 -29.64 -22.07
N VAL A 195 -12.80 -28.49 -22.72
CA VAL A 195 -14.03 -27.73 -22.83
C VAL A 195 -14.90 -28.44 -23.86
N THR A 196 -16.12 -28.83 -23.45
CA THR A 196 -17.05 -29.56 -24.31
C THR A 196 -17.93 -28.61 -25.11
N ASP A 197 -18.20 -27.42 -24.56
CA ASP A 197 -18.91 -26.39 -25.29
C ASP A 197 -18.54 -25.04 -24.69
N SER A 198 -18.66 -24.00 -25.53
CA SER A 198 -18.49 -22.63 -25.08
C SER A 198 -19.59 -21.76 -25.68
N LEU A 199 -19.93 -20.73 -24.91
CA LEU A 199 -21.00 -19.83 -25.21
C LEU A 199 -20.52 -18.41 -24.90
N TYR A 200 -20.74 -17.47 -25.82
CA TYR A 200 -20.60 -16.05 -25.52
C TYR A 200 -21.97 -15.48 -25.13
N LEU A 201 -22.08 -14.88 -23.94
CA LEU A 201 -23.31 -14.23 -23.54
C LEU A 201 -23.45 -12.91 -24.29
N PRO A 202 -24.68 -12.47 -24.62
CA PRO A 202 -24.88 -11.17 -25.26
C PRO A 202 -24.39 -10.07 -24.33
N MET A 203 -23.69 -9.10 -24.91
CA MET A 203 -23.12 -8.00 -24.16
C MET A 203 -23.99 -6.76 -24.35
N GLY A 204 -23.97 -5.88 -23.34
CA GLY A 204 -24.61 -4.58 -23.45
C GLY A 204 -23.98 -3.73 -24.54
N GLU A 205 -24.73 -2.73 -25.02
CA GLU A 205 -24.30 -1.89 -26.13
C GLU A 205 -22.93 -1.27 -25.84
N THR A 206 -22.69 -0.82 -24.60
CA THR A 206 -21.45 -0.14 -24.26
C THR A 206 -20.37 -1.09 -23.74
N GLU A 207 -20.71 -2.38 -23.57
CA GLU A 207 -19.79 -3.37 -23.03
C GLU A 207 -18.92 -3.94 -24.15
N LYS A 208 -17.60 -3.76 -24.03
CA LYS A 208 -16.66 -4.18 -25.06
C LYS A 208 -15.93 -5.45 -24.60
N GLY A 209 -16.17 -5.86 -23.36
CA GLY A 209 -15.65 -7.11 -22.86
C GLY A 209 -16.45 -8.28 -23.40
N LYS A 210 -16.18 -9.46 -22.83
CA LYS A 210 -16.89 -10.66 -23.18
C LYS A 210 -17.19 -11.43 -21.90
N ARG A 211 -18.29 -12.19 -21.95
CA ARG A 211 -18.64 -13.13 -20.90
C ARG A 211 -18.84 -14.50 -21.55
N ILE A 212 -17.97 -15.43 -21.14
CA ILE A 212 -17.86 -16.75 -21.73
C ILE A 212 -18.33 -17.77 -20.71
N ILE A 213 -19.21 -18.69 -21.13
CA ILE A 213 -19.50 -19.85 -20.29
C ILE A 213 -18.82 -21.05 -20.95
N ALA A 214 -17.82 -21.62 -20.27
CA ALA A 214 -17.13 -22.80 -20.73
C ALA A 214 -17.63 -24.01 -19.95
N SER A 215 -17.95 -25.11 -20.64
CA SER A 215 -18.54 -26.26 -19.99
C SER A 215 -17.62 -27.47 -20.09
N PHE A 216 -17.82 -28.40 -19.14
CA PHE A 216 -16.99 -29.57 -18.95
C PHE A 216 -17.86 -30.77 -18.57
N ASP A 217 -17.39 -31.96 -18.99
CA ASP A 217 -18.07 -33.21 -18.71
C ASP A 217 -17.60 -33.72 -17.35
N MET A 218 -18.41 -33.52 -16.30
CA MET A 218 -17.95 -33.93 -14.98
C MET A 218 -19.03 -34.68 -14.23
N GLN A 219 -18.56 -35.40 -13.18
CA GLN A 219 -19.39 -36.18 -12.28
C GLN A 219 -19.29 -35.60 -10.88
N PRO A 220 -20.30 -35.84 -10.01
CA PRO A 220 -20.27 -35.34 -8.63
C PRO A 220 -18.98 -35.66 -7.88
N GLY A 221 -18.42 -34.64 -7.23
CA GLY A 221 -17.20 -34.75 -6.47
C GLY A 221 -15.94 -34.50 -7.30
N GLU A 222 -16.05 -34.41 -8.63
CA GLU A 222 -14.86 -34.27 -9.45
C GLU A 222 -14.33 -32.83 -9.37
N GLU A 223 -13.03 -32.73 -9.64
CA GLU A 223 -12.30 -31.48 -9.58
C GLU A 223 -11.98 -30.99 -10.98
N LEU A 224 -12.06 -29.67 -11.14
CA LEU A 224 -11.55 -28.96 -12.30
C LEU A 224 -10.47 -28.01 -11.84
N LEU A 225 -9.32 -28.02 -12.54
CA LEU A 225 -8.25 -27.07 -12.29
CA LEU A 225 -8.30 -27.03 -12.26
C LEU A 225 -8.20 -26.04 -13.42
N MET A 226 -7.97 -24.78 -13.05
CA MET A 226 -7.84 -23.68 -13.99
C MET A 226 -6.62 -22.87 -13.55
N LYS A 227 -5.75 -22.58 -14.51
CA LYS A 227 -4.66 -21.68 -14.25
C LYS A 227 -4.71 -20.54 -15.26
N VAL A 228 -4.36 -19.35 -14.79
CA VAL A 228 -4.35 -18.17 -15.66
C VAL A 228 -3.12 -17.34 -15.30
N ALA A 229 -2.33 -17.02 -16.32
CA ALA A 229 -1.17 -16.15 -16.17
C ALA A 229 -1.44 -14.84 -16.89
N LEU A 230 -0.91 -13.75 -16.31
CA LEU A 230 -1.04 -12.44 -16.90
C LEU A 230 0.31 -11.92 -17.39
N SER A 231 0.22 -10.92 -18.27
CA SER A 231 1.36 -10.20 -18.80
C SER A 231 0.93 -8.80 -19.17
N THR A 232 1.87 -7.84 -19.07
CA THR A 232 1.58 -6.53 -19.64
C THR A 232 1.95 -6.46 -21.13
N THR A 233 2.68 -7.47 -21.64
CA THR A 233 3.37 -7.33 -22.91
C THR A 233 2.58 -7.97 -24.05
N GLY A 234 2.18 -9.22 -23.87
CA GLY A 234 1.52 -9.98 -24.90
C GLY A 234 1.18 -11.39 -24.43
N ILE A 235 0.45 -12.12 -25.27
CA ILE A 235 0.05 -13.48 -24.96
C ILE A 235 1.27 -14.37 -24.79
N GLU A 236 2.31 -14.15 -25.60
CA GLU A 236 3.49 -15.01 -25.50
C GLU A 236 4.22 -14.77 -24.18
N GLY A 237 4.22 -13.52 -23.68
CA GLY A 237 4.76 -13.23 -22.36
C GLY A 237 3.98 -13.96 -21.26
N ALA A 238 2.65 -13.91 -21.33
CA ALA A 238 1.81 -14.63 -20.38
C ALA A 238 2.09 -16.13 -20.45
N ARG A 239 2.25 -16.67 -21.66
CA ARG A 239 2.53 -18.10 -21.81
C ARG A 239 3.86 -18.46 -21.13
N LYS A 240 4.89 -17.63 -21.35
CA LYS A 240 6.21 -17.90 -20.79
C LYS A 240 6.14 -17.80 -19.26
N ASN A 241 5.38 -16.82 -18.76
CA ASN A 241 5.20 -16.67 -17.32
C ASN A 241 4.59 -17.96 -16.74
N MET A 242 3.56 -18.48 -17.39
CA MET A 242 2.90 -19.68 -16.92
C MET A 242 3.86 -20.87 -16.94
N GLU A 243 4.62 -21.02 -18.03
CA GLU A 243 5.50 -22.16 -18.19
CA GLU A 243 5.50 -22.17 -18.19
C GLU A 243 6.57 -22.17 -17.10
N ALA A 244 6.99 -20.97 -16.66
CA ALA A 244 8.03 -20.85 -15.65
C ALA A 244 7.55 -21.22 -14.25
N GLU A 245 6.24 -21.07 -14.01
CA GLU A 245 5.73 -21.11 -12.65
C GLU A 245 4.71 -22.22 -12.40
N VAL A 246 3.82 -22.48 -13.37
CA VAL A 246 2.81 -23.52 -13.27
C VAL A 246 2.78 -24.30 -14.58
N PRO A 247 3.84 -25.09 -14.87
CA PRO A 247 3.93 -25.84 -16.12
C PRO A 247 2.91 -26.99 -16.22
N ALA A 248 2.42 -27.46 -15.07
CA ALA A 248 1.46 -28.55 -15.06
C ALA A 248 0.32 -28.20 -14.11
N TRP A 249 0.00 -29.08 -13.14
CA TRP A 249 -1.23 -28.95 -12.37
C TRP A 249 -0.99 -29.20 -10.88
N ASP A 250 0.18 -28.79 -10.38
CA ASP A 250 0.60 -29.15 -9.04
C ASP A 250 0.05 -28.16 -8.02
N PHE A 251 -1.24 -28.32 -7.68
CA PHE A 251 -1.90 -27.39 -6.77
C PHE A 251 -1.22 -27.38 -5.40
N GLU A 252 -1.01 -28.56 -4.81
CA GLU A 252 -0.44 -28.64 -3.47
C GLU A 252 0.97 -28.04 -3.46
N GLY A 253 1.72 -28.27 -4.55
CA GLY A 253 3.08 -27.76 -4.66
C GLY A 253 3.14 -26.24 -4.75
N VAL A 254 2.23 -25.65 -5.55
CA VAL A 254 2.17 -24.21 -5.70
C VAL A 254 1.80 -23.59 -4.34
N LYS A 255 0.82 -24.20 -3.65
CA LYS A 255 0.39 -23.74 -2.35
CA LYS A 255 0.39 -23.73 -2.35
C LYS A 255 1.57 -23.75 -1.38
N LYS A 256 2.36 -24.83 -1.42
CA LYS A 256 3.49 -24.97 -0.53
C LYS A 256 4.59 -23.95 -0.86
N THR A 257 4.88 -23.75 -2.16
CA THR A 257 5.85 -22.75 -2.58
C THR A 257 5.44 -21.38 -2.01
N ALA A 258 4.14 -21.07 -2.08
CA ALA A 258 3.69 -19.77 -1.61
C ALA A 258 3.86 -19.66 -0.09
N HIS A 259 3.46 -20.71 0.62
CA HIS A 259 3.61 -20.77 2.06
C HIS A 259 5.07 -20.55 2.47
N ASP A 260 5.98 -21.27 1.82
CA ASP A 260 7.40 -21.20 2.14
C ASP A 260 7.97 -19.81 1.79
N ASP A 261 7.53 -19.22 0.67
CA ASP A 261 7.98 -17.90 0.28
C ASP A 261 7.57 -16.89 1.37
N TRP A 262 6.31 -16.94 1.80
CA TRP A 262 5.84 -16.05 2.85
C TRP A 262 6.64 -16.23 4.14
N ASN A 263 6.86 -17.49 4.55
CA ASN A 263 7.62 -17.74 5.76
C ASN A 263 9.05 -17.23 5.66
N SER A 264 9.64 -17.22 4.46
CA SER A 264 11.00 -16.74 4.26
C SER A 264 11.14 -15.26 4.57
N TYR A 265 10.03 -14.51 4.46
CA TYR A 265 10.01 -13.13 4.89
C TYR A 265 9.57 -12.99 6.34
N LEU A 266 8.46 -13.63 6.73
CA LEU A 266 7.90 -13.41 8.05
C LEU A 266 8.87 -13.85 9.14
N SER A 267 9.64 -14.91 8.87
CA SER A 267 10.60 -15.44 9.84
C SER A 267 11.76 -14.47 10.11
N ARG A 268 11.84 -13.36 9.37
CA ARG A 268 12.89 -12.38 9.58
C ARG A 268 12.66 -11.59 10.86
N ILE A 269 11.46 -11.70 11.44
CA ILE A 269 11.18 -11.05 12.72
C ILE A 269 10.52 -12.06 13.66
N ASP A 270 11.08 -12.22 14.86
CA ASP A 270 10.51 -13.07 15.90
C ASP A 270 9.88 -12.17 16.96
N VAL A 271 8.54 -12.20 17.05
CA VAL A 271 7.81 -11.42 18.04
C VAL A 271 7.36 -12.35 19.17
N THR A 272 7.65 -11.94 20.41
CA THR A 272 7.12 -12.55 21.61
C THR A 272 6.03 -11.66 22.19
N GLY A 273 4.85 -12.25 22.40
CA GLY A 273 3.71 -11.50 22.91
C GLY A 273 2.49 -12.40 23.01
N THR A 274 1.33 -11.77 23.21
CA THR A 274 0.07 -12.49 23.20
C THR A 274 -0.22 -12.96 21.77
N GLU A 275 -1.16 -13.90 21.65
CA GLU A 275 -1.59 -14.38 20.34
C GLU A 275 -2.10 -13.19 19.52
N ASP A 276 -2.87 -12.30 20.15
CA ASP A 276 -3.44 -11.15 19.45
C ASP A 276 -2.33 -10.22 18.97
N GLU A 277 -1.33 -9.96 19.82
CA GLU A 277 -0.22 -9.11 19.44
C GLU A 277 0.52 -9.67 18.23
N LYS A 278 0.77 -10.99 18.24
CA LYS A 278 1.47 -11.61 17.13
C LYS A 278 0.61 -11.57 15.88
N THR A 279 -0.70 -11.82 16.00
CA THR A 279 -1.59 -11.74 14.84
C THR A 279 -1.57 -10.33 14.26
N ASN A 280 -1.65 -9.30 15.12
CA ASN A 280 -1.60 -7.94 14.62
C ASN A 280 -0.29 -7.72 13.88
N PHE A 281 0.84 -8.09 14.51
CA PHE A 281 2.14 -7.77 13.96
C PHE A 281 2.40 -8.51 12.64
N TYR A 282 2.17 -9.82 12.61
CA TYR A 282 2.50 -10.60 11.42
C TYR A 282 1.53 -10.28 10.30
N THR A 283 0.28 -9.90 10.62
CA THR A 283 -0.64 -9.50 9.57
C THR A 283 -0.17 -8.18 8.97
N CYS A 284 0.37 -7.28 9.80
CA CYS A 284 0.96 -6.05 9.30
C CYS A 284 2.15 -6.36 8.37
N PHE A 285 2.99 -7.31 8.79
CA PHE A 285 4.17 -7.67 8.01
C PHE A 285 3.73 -8.17 6.63
N TYR A 286 2.71 -9.04 6.63
CA TYR A 286 2.11 -9.55 5.41
C TYR A 286 1.64 -8.39 4.51
N HIS A 287 0.83 -7.49 5.07
CA HIS A 287 0.28 -6.38 4.31
C HIS A 287 1.38 -5.51 3.70
N ALA A 288 2.48 -5.29 4.42
CA ALA A 288 3.57 -4.45 3.92
C ALA A 288 4.27 -5.09 2.70
N LEU A 289 4.15 -6.42 2.56
CA LEU A 289 4.94 -7.15 1.56
C LEU A 289 4.11 -7.56 0.35
N ILE A 290 2.82 -7.18 0.30
CA ILE A 290 1.98 -7.49 -0.85
C ILE A 290 2.46 -6.73 -2.09
N GLN A 291 2.93 -5.50 -1.87
CA GLN A 291 3.31 -4.57 -2.92
C GLN A 291 4.56 -3.84 -2.46
N PRO A 292 5.31 -3.11 -3.31
CA PRO A 292 5.11 -2.98 -4.75
C PRO A 292 4.96 -4.30 -5.51
N ASN A 293 4.18 -4.26 -6.60
CA ASN A 293 3.89 -5.46 -7.39
C ASN A 293 4.83 -5.55 -8.58
N GLN A 294 5.48 -6.70 -8.74
CA GLN A 294 6.14 -6.99 -10.00
C GLN A 294 5.11 -7.01 -11.13
N ILE A 295 5.38 -6.34 -12.27
CA ILE A 295 4.51 -6.43 -13.43
C ILE A 295 5.25 -6.86 -14.71
N SER A 296 6.58 -6.97 -14.61
CA SER A 296 7.39 -7.48 -15.69
C SER A 296 7.18 -8.98 -15.83
N ASP A 297 7.34 -9.48 -17.07
CA ASP A 297 7.36 -10.90 -17.35
C ASP A 297 8.63 -11.52 -16.74
N VAL A 298 8.73 -12.85 -16.76
CA VAL A 298 9.86 -13.54 -16.17
C VAL A 298 11.18 -13.17 -16.85
N ASP A 299 11.13 -12.68 -18.10
CA ASP A 299 12.32 -12.31 -18.86
C ASP A 299 12.63 -10.81 -18.75
N GLY A 300 11.88 -10.09 -17.92
CA GLY A 300 12.15 -8.69 -17.65
C GLY A 300 11.39 -7.71 -18.53
N LEU A 301 10.61 -8.20 -19.51
CA LEU A 301 9.88 -7.30 -20.39
C LEU A 301 8.65 -6.75 -19.67
N TYR A 302 8.32 -5.48 -19.94
CA TYR A 302 7.12 -4.88 -19.41
C TYR A 302 6.68 -3.78 -20.38
N ARG A 303 5.39 -3.42 -20.29
CA ARG A 303 4.81 -2.35 -21.07
C ARG A 303 4.85 -1.08 -20.23
N ASN A 304 5.53 -0.06 -20.74
CA ASN A 304 5.84 1.14 -19.95
C ASN A 304 4.80 2.23 -20.20
N ALA A 305 5.05 3.41 -19.63
CA ALA A 305 4.09 4.51 -19.63
C ALA A 305 3.91 5.11 -21.02
N ALA A 306 4.82 4.81 -21.96
CA ALA A 306 4.67 5.24 -23.34
C ALA A 306 3.98 4.16 -24.19
N ASP A 307 3.49 3.10 -23.53
CA ASP A 307 2.83 1.98 -24.19
C ASP A 307 3.80 1.26 -25.11
N SER A 308 5.06 1.11 -24.64
CA SER A 308 6.10 0.41 -25.35
C SER A 308 6.60 -0.75 -24.49
N VAL A 309 6.85 -1.89 -25.13
CA VAL A 309 7.43 -3.03 -24.43
C VAL A 309 8.96 -2.91 -24.44
N VAL A 310 9.52 -2.91 -23.22
CA VAL A 310 10.94 -2.71 -22.99
C VAL A 310 11.41 -3.67 -21.91
N LYS A 311 12.73 -3.81 -21.77
CA LYS A 311 13.30 -4.69 -20.77
C LYS A 311 13.76 -3.88 -19.56
N ALA A 312 13.35 -4.31 -18.37
CA ALA A 312 13.86 -3.74 -17.12
C ALA A 312 15.37 -3.93 -17.02
N GLY A 313 16.07 -2.86 -16.63
CA GLY A 313 17.52 -2.90 -16.50
C GLY A 313 18.00 -3.99 -15.54
N THR A 314 17.27 -4.21 -14.44
CA THR A 314 17.64 -5.19 -13.43
C THR A 314 17.05 -6.57 -13.71
N GLY A 315 16.13 -6.64 -14.69
CA GLY A 315 15.42 -7.86 -15.00
C GLY A 315 14.05 -7.94 -14.34
N THR A 316 13.72 -7.00 -13.45
CA THR A 316 12.42 -6.98 -12.80
C THR A 316 11.92 -5.54 -12.70
N PHE A 317 10.67 -5.29 -13.09
CA PHE A 317 10.07 -3.97 -12.99
C PHE A 317 8.87 -4.05 -12.05
N TYR A 318 8.81 -3.07 -11.15
CA TYR A 318 7.75 -2.97 -10.15
C TYR A 318 6.91 -1.71 -10.39
N SER A 319 5.63 -1.87 -10.02
CA SER A 319 4.71 -0.74 -9.90
C SER A 319 3.87 -0.91 -8.63
N THR A 320 2.77 -0.16 -8.51
CA THR A 320 2.03 0.01 -7.27
C THR A 320 2.91 0.70 -6.23
N PHE A 321 3.17 1.98 -6.50
CA PHE A 321 3.98 2.85 -5.66
C PHE A 321 3.07 3.94 -5.10
N SER A 322 2.53 3.67 -3.91
CA SER A 322 1.59 4.56 -3.23
C SER A 322 2.36 5.59 -2.40
N LEU A 323 3.16 6.42 -3.08
CA LEU A 323 4.32 7.04 -2.43
C LEU A 323 3.93 8.11 -1.43
N TRP A 324 2.80 8.80 -1.63
CA TRP A 324 2.34 9.76 -0.63
C TRP A 324 2.24 9.10 0.74
N ASP A 325 1.79 7.84 0.79
CA ASP A 325 1.71 7.09 2.02
C ASP A 325 3.06 6.49 2.41
N THR A 326 3.66 5.76 1.46
CA THR A 326 4.66 4.77 1.80
C THR A 326 6.05 5.36 2.04
N TYR A 327 6.32 6.61 1.64
CA TYR A 327 7.67 7.14 1.84
C TYR A 327 7.97 7.27 3.33
N ARG A 328 6.88 7.31 4.12
CA ARG A 328 6.89 7.73 5.51
C ARG A 328 7.43 6.65 6.45
N ALA A 329 7.00 5.39 6.22
CA ALA A 329 7.43 4.25 7.03
C ALA A 329 7.57 2.95 6.24
N ALA A 330 6.71 2.67 5.25
CA ALA A 330 6.84 1.41 4.53
C ALA A 330 8.19 1.32 3.82
N HIS A 331 8.61 2.38 3.14
CA HIS A 331 9.89 2.35 2.45
C HIS A 331 11.06 2.21 3.41
N PRO A 332 11.10 2.98 4.53
CA PRO A 332 12.07 2.72 5.59
C PRO A 332 12.07 1.27 6.07
N PHE A 333 10.89 0.69 6.24
CA PHE A 333 10.80 -0.70 6.66
C PHE A 333 11.49 -1.62 5.66
N TYR A 334 11.32 -1.40 4.34
CA TYR A 334 12.00 -2.23 3.36
C TYR A 334 13.51 -2.07 3.46
N THR A 335 14.01 -0.86 3.77
CA THR A 335 15.45 -0.67 3.83
C THR A 335 16.06 -1.51 4.95
N LEU A 336 15.30 -1.77 6.02
CA LEU A 336 15.76 -2.57 7.15
C LEU A 336 15.57 -4.06 6.88
N MET A 337 14.34 -4.44 6.52
CA MET A 337 13.92 -5.84 6.58
C MET A 337 13.79 -6.50 5.20
N VAL A 338 13.72 -5.70 4.13
CA VAL A 338 13.66 -6.25 2.78
C VAL A 338 14.67 -5.51 1.91
N PRO A 339 15.94 -5.41 2.33
CA PRO A 339 16.92 -4.60 1.62
C PRO A 339 17.19 -5.09 0.20
N GLU A 340 16.95 -6.38 -0.06
CA GLU A 340 17.29 -6.95 -1.35
C GLU A 340 16.31 -6.49 -2.44
N LYS A 341 15.22 -5.80 -2.09
CA LYS A 341 14.28 -5.29 -3.08
C LYS A 341 14.47 -3.79 -3.35
N VAL A 342 15.20 -3.07 -2.49
CA VAL A 342 15.22 -1.62 -2.55
C VAL A 342 15.84 -1.12 -3.86
N ASP A 343 16.94 -1.73 -4.29
CA ASP A 343 17.60 -1.32 -5.52
C ASP A 343 16.64 -1.51 -6.70
N GLY A 344 15.90 -2.62 -6.70
CA GLY A 344 14.93 -2.88 -7.75
C GLY A 344 13.83 -1.82 -7.78
N PHE A 345 13.34 -1.42 -6.60
CA PHE A 345 12.33 -0.37 -6.53
C PHE A 345 12.88 0.94 -7.10
N VAL A 346 14.09 1.32 -6.68
CA VAL A 346 14.66 2.57 -7.17
C VAL A 346 14.79 2.52 -8.70
N ASN A 347 15.27 1.40 -9.25
CA ASN A 347 15.45 1.30 -10.69
C ASN A 347 14.10 1.46 -11.41
N SER A 348 13.02 0.90 -10.82
CA SER A 348 11.70 0.98 -11.44
C SER A 348 11.23 2.43 -11.46
N LEU A 349 11.43 3.16 -10.36
CA LEU A 349 11.05 4.56 -10.28
C LEU A 349 11.81 5.37 -11.35
N VAL A 350 13.12 5.15 -11.46
CA VAL A 350 13.95 5.91 -12.37
C VAL A 350 13.57 5.61 -13.82
N GLU A 351 13.34 4.34 -14.15
CA GLU A 351 12.97 4.00 -15.51
C GLU A 351 11.68 4.70 -15.91
N GLN A 352 10.71 4.77 -15.01
CA GLN A 352 9.45 5.41 -15.36
C GLN A 352 9.64 6.92 -15.46
N SER A 353 10.50 7.52 -14.62
CA SER A 353 10.83 8.93 -14.74
CA SER A 353 10.79 8.93 -14.74
C SER A 353 11.40 9.25 -16.12
N GLU A 354 12.23 8.33 -16.63
CA GLU A 354 12.90 8.56 -17.90
C GLU A 354 11.91 8.51 -19.07
N VAL A 355 10.74 7.90 -18.87
CA VAL A 355 9.70 7.88 -19.89
C VAL A 355 8.79 9.09 -19.76
N GLN A 356 8.31 9.39 -18.54
CA GLN A 356 7.24 10.36 -18.37
C GLN A 356 7.76 11.75 -17.98
N GLY A 357 9.03 11.85 -17.53
CA GLY A 357 9.66 13.13 -17.28
C GLY A 357 9.75 13.52 -15.81
N PHE A 358 9.16 12.70 -14.93
CA PHE A 358 9.20 12.92 -13.50
C PHE A 358 8.97 11.56 -12.84
N LEU A 359 9.38 11.43 -11.59
CA LEU A 359 9.25 10.17 -10.90
C LEU A 359 7.79 9.81 -10.74
N PRO A 360 7.44 8.51 -10.67
CA PRO A 360 6.08 8.12 -10.35
C PRO A 360 5.61 8.82 -9.07
N ILE A 361 4.46 9.49 -9.15
CA ILE A 361 3.80 10.10 -8.00
C ILE A 361 2.97 9.05 -7.28
N TRP A 362 2.08 8.41 -8.03
CA TRP A 362 1.37 7.23 -7.57
C TRP A 362 1.32 6.28 -8.76
N GLY A 363 2.30 5.38 -8.81
CA GLY A 363 2.51 4.56 -9.98
C GLY A 363 1.68 3.27 -9.90
N LEU A 364 0.98 2.96 -10.98
CA LEU A 364 0.09 1.80 -11.02
C LEU A 364 0.13 1.21 -12.42
N TRP A 365 0.42 -0.10 -12.51
CA TRP A 365 0.51 -0.80 -13.77
C TRP A 365 1.55 -0.15 -14.70
N GLY A 366 2.58 0.46 -14.11
CA GLY A 366 3.63 1.10 -14.89
C GLY A 366 3.21 2.44 -15.48
N LYS A 367 2.04 2.93 -15.05
CA LYS A 367 1.49 4.21 -15.49
C LYS A 367 1.44 5.19 -14.32
N GLU A 368 1.05 6.43 -14.62
CA GLU A 368 0.92 7.48 -13.62
C GLU A 368 -0.56 7.72 -13.33
N THR A 369 -0.92 7.82 -12.04
CA THR A 369 -2.27 8.19 -11.65
C THR A 369 -2.36 9.59 -11.01
N TYR A 370 -1.22 10.18 -10.59
CA TYR A 370 -1.14 11.54 -10.08
C TYR A 370 -1.81 11.70 -8.70
N THR A 371 -2.11 10.59 -8.02
CA THR A 371 -2.94 10.58 -6.82
C THR A 371 -2.16 11.17 -5.64
N MET A 372 -2.85 12.03 -4.87
CA MET A 372 -2.36 12.71 -3.68
C MET A 372 -1.41 13.85 -4.08
N VAL A 373 -0.44 14.19 -3.22
CA VAL A 373 0.38 15.38 -3.41
C VAL A 373 1.86 15.04 -3.21
N GLY A 374 2.72 16.02 -3.51
CA GLY A 374 4.15 15.84 -3.47
C GLY A 374 4.66 14.97 -4.60
N ASN A 375 5.94 14.61 -4.48
CA ASN A 375 6.65 13.79 -5.44
C ASN A 375 7.59 12.89 -4.64
N HIS A 376 7.00 12.05 -3.79
CA HIS A 376 7.77 11.45 -2.72
C HIS A 376 8.61 10.25 -3.16
N GLY A 377 8.59 9.89 -4.44
CA GLY A 377 9.64 9.04 -4.97
C GLY A 377 11.03 9.64 -4.72
N VAL A 378 11.09 10.99 -4.64
CA VAL A 378 12.33 11.69 -4.32
C VAL A 378 12.86 11.22 -2.96
N SER A 379 12.00 11.17 -1.93
CA SER A 379 12.40 10.71 -0.59
C SER A 379 12.92 9.28 -0.67
N VAL A 380 12.19 8.42 -1.40
CA VAL A 380 12.54 7.01 -1.40
C VAL A 380 13.95 6.80 -1.93
N ILE A 381 14.27 7.52 -3.02
CA ILE A 381 15.56 7.42 -3.66
C ILE A 381 16.63 8.03 -2.74
N ALA A 382 16.40 9.25 -2.25
CA ALA A 382 17.41 9.89 -1.41
C ALA A 382 17.71 9.05 -0.19
N GLU A 383 16.66 8.48 0.40
CA GLU A 383 16.78 7.62 1.58
C GLU A 383 17.64 6.41 1.27
N ALA A 384 17.34 5.72 0.16
CA ALA A 384 18.12 4.57 -0.26
C ALA A 384 19.59 4.96 -0.43
N TYR A 385 19.86 6.10 -1.08
CA TYR A 385 21.23 6.51 -1.29
C TYR A 385 21.92 6.78 0.04
N ARG A 386 21.22 7.47 0.95
CA ARG A 386 21.77 7.82 2.24
C ARG A 386 22.12 6.56 3.03
N LYS A 387 21.35 5.50 2.84
CA LYS A 387 21.52 4.28 3.62
C LYS A 387 22.48 3.30 2.96
N GLY A 388 23.14 3.71 1.86
CA GLY A 388 24.24 2.96 1.28
C GLY A 388 23.83 2.00 0.17
N PHE A 389 22.61 2.12 -0.36
CA PHE A 389 22.22 1.31 -1.50
C PHE A 389 22.91 1.84 -2.75
N ARG A 390 23.50 0.91 -3.52
CA ARG A 390 24.33 1.25 -4.67
C ARG A 390 24.00 0.36 -5.87
N GLY A 391 22.84 -0.31 -5.85
CA GLY A 391 22.42 -1.14 -6.97
C GLY A 391 21.61 -0.38 -8.02
N PHE A 392 21.90 0.92 -8.15
CA PHE A 392 21.31 1.77 -9.16
C PHE A 392 22.32 2.86 -9.52
N ASP A 393 22.17 3.41 -10.73
CA ASP A 393 23.01 4.49 -11.22
C ASP A 393 22.60 5.78 -10.50
N ALA A 394 23.47 6.28 -9.64
CA ALA A 394 23.16 7.43 -8.79
C ALA A 394 22.99 8.70 -9.62
N GLU A 395 23.74 8.82 -10.71
CA GLU A 395 23.63 10.00 -11.57
C GLU A 395 22.26 10.01 -12.24
N ARG A 396 21.81 8.86 -12.76
CA ARG A 396 20.50 8.78 -13.37
C ARG A 396 19.43 9.04 -12.31
N ALA A 397 19.62 8.51 -11.10
CA ALA A 397 18.64 8.67 -10.05
C ALA A 397 18.55 10.13 -9.61
N PHE A 398 19.69 10.78 -9.42
CA PHE A 398 19.66 12.19 -9.04
C PHE A 398 19.08 13.04 -10.17
N ASN A 399 19.40 12.71 -11.43
CA ASN A 399 18.82 13.44 -12.56
C ASN A 399 17.29 13.34 -12.51
N ALA A 400 16.77 12.16 -12.18
CA ALA A 400 15.33 11.98 -12.03
C ALA A 400 14.77 12.90 -10.95
N ILE A 401 15.44 12.97 -9.81
CA ILE A 401 15.04 13.86 -8.74
C ILE A 401 15.03 15.31 -9.20
N LYS A 402 16.13 15.73 -9.85
CA LYS A 402 16.30 17.12 -10.23
C LYS A 402 15.23 17.52 -11.26
N GLN A 403 14.97 16.64 -12.23
CA GLN A 403 13.95 16.89 -13.24
C GLN A 403 12.59 17.01 -12.56
N THR A 404 12.33 16.10 -11.61
CA THR A 404 11.06 16.08 -10.91
C THR A 404 10.82 17.40 -10.19
N GLN A 405 11.85 17.94 -9.53
CA GLN A 405 11.67 19.09 -8.66
C GLN A 405 11.83 20.42 -9.38
N THR A 406 12.33 20.43 -10.64
CA THR A 406 12.59 21.68 -11.33
C THR A 406 11.83 21.82 -12.64
N VAL A 407 11.30 20.73 -13.19
CA VAL A 407 10.50 20.79 -14.40
C VAL A 407 9.04 20.52 -14.04
N SER A 408 8.18 21.52 -14.29
CA SER A 408 6.80 21.48 -13.88
C SER A 408 6.09 20.31 -14.57
N HIS A 409 5.10 19.75 -13.86
CA HIS A 409 4.39 18.59 -14.36
C HIS A 409 3.07 18.44 -13.61
N LYS A 410 2.21 17.59 -14.17
CA LYS A 410 0.88 17.35 -13.65
C LYS A 410 0.94 16.57 -12.33
N GLN A 411 -0.11 16.64 -11.51
CA GLN A 411 -1.25 17.52 -11.69
CA GLN A 411 -1.28 17.51 -11.66
C GLN A 411 -1.07 18.82 -10.91
N LYS A 412 0.00 18.90 -10.09
CA LYS A 412 0.07 19.94 -9.06
C LYS A 412 1.42 20.64 -8.97
N SER A 413 2.43 20.16 -9.71
CA SER A 413 3.79 20.62 -9.55
C SER A 413 4.08 21.77 -10.52
N ASP A 414 3.49 22.93 -10.24
CA ASP A 414 3.76 24.16 -10.98
C ASP A 414 4.92 24.86 -10.29
N TRP A 415 6.16 24.57 -10.71
CA TRP A 415 7.32 25.09 -10.03
C TRP A 415 7.57 26.57 -10.36
N GLU A 416 7.05 27.08 -11.48
CA GLU A 416 7.21 28.48 -11.78
C GLU A 416 6.45 29.29 -10.74
N THR A 417 5.22 28.88 -10.45
CA THR A 417 4.43 29.52 -9.41
C THR A 417 5.12 29.35 -8.06
N TYR A 418 5.57 28.14 -7.77
CA TYR A 418 6.14 27.82 -6.47
C TYR A 418 7.35 28.70 -6.17
N MET A 419 8.26 28.84 -7.14
CA MET A 419 9.50 29.56 -6.91
C MET A 419 9.25 31.06 -6.94
N LYS A 420 8.17 31.50 -7.60
CA LYS A 420 7.84 32.93 -7.64
C LYS A 420 7.46 33.41 -6.24
N TYR A 421 6.70 32.58 -5.50
CA TYR A 421 6.10 33.01 -4.24
C TYR A 421 6.79 32.42 -3.00
N GLY A 422 7.46 31.27 -3.15
CA GLY A 422 7.96 30.53 -2.00
C GLY A 422 6.93 29.59 -1.38
N TYR A 423 5.81 29.39 -2.07
CA TYR A 423 4.69 28.58 -1.62
C TYR A 423 3.71 28.53 -2.80
N PHE A 424 2.74 27.62 -2.75
CA PHE A 424 1.62 27.66 -3.67
C PHE A 424 0.55 28.57 -3.09
N PRO A 425 0.22 29.72 -3.72
CA PRO A 425 -0.80 30.63 -3.17
C PRO A 425 -2.21 30.08 -3.33
N THR A 426 -3.01 30.20 -2.27
CA THR A 426 -4.37 29.69 -2.20
C THR A 426 -5.27 30.31 -3.27
N ASP A 427 -5.00 31.57 -3.67
CA ASP A 427 -5.85 32.26 -4.63
C ASP A 427 -5.51 31.87 -6.07
N LEU A 428 -4.35 31.23 -6.28
CA LEU A 428 -3.91 30.83 -7.61
C LEU A 428 -4.03 29.33 -7.83
N ILE A 429 -3.92 28.56 -6.76
CA ILE A 429 -3.96 27.11 -6.82
C ILE A 429 -5.22 26.66 -6.09
N LYS A 430 -6.18 26.13 -6.84
CA LYS A 430 -7.55 25.99 -6.36
C LYS A 430 -7.60 25.05 -5.15
N THR A 431 -6.80 23.96 -5.17
CA THR A 431 -6.86 22.96 -4.11
C THR A 431 -5.46 22.55 -3.66
N GLU A 432 -5.38 22.19 -2.36
CA GLU A 432 -4.21 21.57 -1.74
C GLU A 432 -2.99 22.49 -1.79
N SER A 433 -3.20 23.81 -1.72
CA SER A 433 -2.07 24.73 -1.80
C SER A 433 -1.08 24.49 -0.65
N VAL A 434 -1.59 24.28 0.57
CA VAL A 434 -0.72 24.18 1.73
C VAL A 434 -0.08 22.79 1.79
N SER A 435 -0.88 21.74 1.60
CA SER A 435 -0.35 20.39 1.62
C SER A 435 0.68 20.19 0.50
N SER A 436 0.39 20.64 -0.72
CA SER A 436 1.35 20.52 -1.80
C SER A 436 2.65 21.26 -1.47
N SER A 437 2.53 22.43 -0.84
CA SER A 437 3.70 23.22 -0.46
C SER A 437 4.56 22.46 0.54
N LEU A 438 3.97 22.09 1.68
CA LEU A 438 4.74 21.50 2.77
C LEU A 438 5.32 20.14 2.38
N GLU A 439 4.58 19.37 1.59
CA GLU A 439 5.08 18.08 1.14
C GLU A 439 6.19 18.25 0.11
N SER A 440 6.08 19.26 -0.78
CA SER A 440 7.14 19.53 -1.74
C SER A 440 8.42 19.96 -1.02
N VAL A 441 8.29 20.69 0.09
CA VAL A 441 9.43 21.08 0.91
C VAL A 441 10.24 19.85 1.33
N TYR A 442 9.54 18.79 1.77
CA TYR A 442 10.26 17.59 2.20
C TYR A 442 11.08 17.01 1.05
N ASP A 443 10.48 16.98 -0.15
CA ASP A 443 11.16 16.46 -1.32
C ASP A 443 12.39 17.31 -1.65
N ASP A 444 12.32 18.64 -1.51
CA ASP A 444 13.47 19.49 -1.73
C ASP A 444 14.58 19.20 -0.72
N TYR A 445 14.20 18.99 0.55
CA TYR A 445 15.15 18.57 1.57
C TYR A 445 15.85 17.28 1.16
N ALA A 446 15.08 16.30 0.69
CA ALA A 446 15.62 15.01 0.29
C ALA A 446 16.58 15.19 -0.89
N ALA A 447 16.19 16.03 -1.85
CA ALA A 447 17.03 16.32 -3.00
C ALA A 447 18.35 16.94 -2.53
N ALA A 448 18.27 17.90 -1.60
CA ALA A 448 19.47 18.54 -1.08
C ALA A 448 20.38 17.52 -0.41
N ASP A 449 19.78 16.58 0.33
CA ASP A 449 20.54 15.56 1.04
C ASP A 449 21.35 14.72 0.06
N MET A 450 20.69 14.23 -0.98
CA MET A 450 21.39 13.39 -1.94
C MET A 450 22.45 14.23 -2.68
N ALA A 451 22.13 15.48 -3.04
CA ALA A 451 23.07 16.36 -3.72
C ALA A 451 24.35 16.50 -2.87
N LYS A 452 24.18 16.76 -1.57
CA LYS A 452 25.32 16.95 -0.69
CA LYS A 452 25.31 16.94 -0.67
C LYS A 452 26.16 15.67 -0.67
N ARG A 453 25.50 14.51 -0.55
CA ARG A 453 26.22 13.24 -0.45
C ARG A 453 26.95 12.90 -1.75
N MET A 454 26.51 13.47 -2.89
CA MET A 454 27.16 13.23 -4.18
C MET A 454 28.14 14.34 -4.50
N GLY A 455 28.32 15.32 -3.61
CA GLY A 455 29.25 16.42 -3.82
C GLY A 455 28.76 17.43 -4.86
N LYS A 456 27.44 17.50 -5.07
CA LYS A 456 26.85 18.42 -6.02
C LYS A 456 26.50 19.73 -5.29
N THR A 457 27.52 20.59 -5.16
CA THR A 457 27.50 21.71 -4.24
C THR A 457 26.41 22.71 -4.61
N GLU A 458 26.34 23.06 -5.90
CA GLU A 458 25.42 24.06 -6.40
C GLU A 458 23.97 23.55 -6.27
N ASP A 459 23.74 22.29 -6.64
CA ASP A 459 22.40 21.71 -6.50
C ASP A 459 22.00 21.64 -5.03
N ALA A 460 22.94 21.30 -4.14
CA ALA A 460 22.61 21.17 -2.72
C ALA A 460 22.19 22.54 -2.16
N ALA A 461 22.89 23.61 -2.58
CA ALA A 461 22.56 24.93 -2.11
C ALA A 461 21.17 25.34 -2.60
N TYR A 462 20.87 25.05 -3.88
CA TYR A 462 19.59 25.39 -4.48
C TYR A 462 18.45 24.72 -3.72
N PHE A 463 18.57 23.41 -3.49
CA PHE A 463 17.51 22.65 -2.84
C PHE A 463 17.42 22.97 -1.36
N SER A 464 18.55 23.28 -0.71
CA SER A 464 18.54 23.64 0.71
C SER A 464 17.74 24.93 0.93
N LYS A 465 17.85 25.88 0.00
CA LYS A 465 17.07 27.10 0.09
C LYS A 465 15.58 26.78 0.02
N ARG A 466 15.20 25.90 -0.92
CA ARG A 466 13.81 25.50 -1.07
C ARG A 466 13.30 24.75 0.16
N ALA A 467 14.20 24.04 0.85
CA ALA A 467 13.82 23.28 2.02
C ALA A 467 13.40 24.19 3.19
N ASP A 468 13.76 25.47 3.14
CA ASP A 468 13.32 26.42 4.16
C ASP A 468 11.97 27.06 3.84
N PHE A 469 11.30 26.68 2.75
CA PHE A 469 10.09 27.37 2.33
C PHE A 469 8.92 27.10 3.27
N TYR A 470 8.99 26.06 4.11
CA TYR A 470 7.90 25.79 5.04
C TYR A 470 7.61 27.01 5.93
N LYS A 471 8.63 27.82 6.21
CA LYS A 471 8.48 29.00 7.04
C LYS A 471 7.51 30.02 6.43
N ASN A 472 7.33 29.96 5.11
CA ASN A 472 6.51 30.92 4.39
C ASN A 472 5.02 30.71 4.62
N LEU A 473 4.63 29.57 5.20
CA LEU A 473 3.22 29.29 5.43
C LEU A 473 2.85 29.24 6.91
N PHE A 474 3.78 29.54 7.81
CA PHE A 474 3.47 29.51 9.22
C PHE A 474 3.02 30.90 9.69
N ASP A 475 1.77 30.98 10.14
CA ASP A 475 1.19 32.18 10.71
C ASP A 475 1.43 32.23 12.22
N THR A 476 2.32 33.12 12.67
CA THR A 476 2.66 33.21 14.09
C THR A 476 1.49 33.74 14.92
N GLU A 477 0.50 34.39 14.30
CA GLU A 477 -0.65 34.95 15.01
C GLU A 477 -1.52 33.81 15.55
N THR A 478 -1.81 32.82 14.70
CA THR A 478 -2.68 31.72 15.07
C THR A 478 -1.90 30.45 15.37
N GLN A 479 -0.63 30.41 14.97
CA GLN A 479 0.28 29.28 15.12
C GLN A 479 -0.24 28.07 14.35
N PHE A 480 -0.60 28.29 13.10
CA PHE A 480 -0.96 27.23 12.18
C PHE A 480 -0.20 27.45 10.88
N MET A 481 0.01 26.35 10.15
CA MET A 481 0.32 26.41 8.73
C MET A 481 -1.00 26.75 8.03
N ARG A 482 -1.03 27.95 7.45
CA ARG A 482 -2.26 28.60 7.01
C ARG A 482 -2.15 28.92 5.52
N PRO A 483 -3.25 28.82 4.74
CA PRO A 483 -3.18 29.16 3.33
C PRO A 483 -2.86 30.65 3.19
N ARG A 484 -2.09 30.98 2.16
CA ARG A 484 -1.51 32.30 1.99
C ARG A 484 -1.78 32.76 0.56
N ASN A 485 -2.22 34.02 0.45
CA ASN A 485 -2.54 34.63 -0.83
C ASN A 485 -1.28 35.03 -1.58
N SER A 486 -1.43 35.22 -2.90
CA SER A 486 -0.34 35.68 -3.76
C SER A 486 0.07 37.11 -3.39
N ASN A 487 -0.83 37.87 -2.74
CA ASN A 487 -0.51 39.24 -2.33
C ASN A 487 0.15 39.26 -0.95
N GLY A 488 0.45 38.07 -0.38
CA GLY A 488 1.21 37.96 0.85
C GLY A 488 0.35 37.76 2.10
N THR A 489 -0.93 38.16 2.03
CA THR A 489 -1.81 38.11 3.18
C THR A 489 -2.24 36.67 3.44
N TRP A 490 -2.71 36.43 4.66
CA TRP A 490 -3.23 35.12 5.02
C TRP A 490 -4.67 34.97 4.57
N LYS A 491 -5.06 33.74 4.21
CA LYS A 491 -6.42 33.44 3.85
C LYS A 491 -7.35 33.76 5.02
N THR A 492 -8.46 34.43 4.70
CA THR A 492 -9.49 34.72 5.68
C THR A 492 -10.84 34.64 4.95
N PRO A 493 -11.90 34.07 5.57
CA PRO A 493 -11.81 33.42 6.88
C PRO A 493 -10.98 32.14 6.83
N PHE A 494 -10.58 31.68 8.02
CA PHE A 494 -9.72 30.52 8.15
C PHE A 494 -10.28 29.63 9.23
N ASN A 495 -10.61 28.39 8.86
CA ASN A 495 -11.10 27.40 9.80
C ASN A 495 -10.10 26.26 9.86
N PRO A 496 -9.27 26.18 10.92
CA PRO A 496 -8.19 25.19 10.97
C PRO A 496 -8.67 23.75 11.15
N SER A 497 -9.96 23.57 11.46
CA SER A 497 -10.57 22.25 11.63
C SER A 497 -11.21 21.74 10.34
N GLN A 498 -11.44 22.63 9.38
CA GLN A 498 -12.15 22.29 8.15
C GLN A 498 -11.36 21.29 7.33
N VAL A 499 -11.97 20.12 7.06
CA VAL A 499 -11.30 19.05 6.33
C VAL A 499 -11.43 19.34 4.83
N ALA A 500 -10.31 19.19 4.12
CA ALA A 500 -10.24 19.45 2.69
C ALA A 500 -10.27 18.12 1.94
N HIS A 501 -11.02 18.09 0.84
CA HIS A 501 -11.03 16.99 -0.13
C HIS A 501 -10.97 17.60 -1.53
N ALA A 502 -9.84 17.45 -2.23
CA ALA A 502 -9.58 18.21 -3.45
C ALA A 502 -10.64 17.95 -4.52
N THR A 505 -15.17 18.89 -2.85
CA THR A 505 -15.49 19.98 -1.88
C THR A 505 -14.34 21.00 -1.83
N GLY A 506 -13.11 20.56 -2.17
CA GLY A 506 -11.98 21.47 -2.24
C GLY A 506 -11.29 21.67 -0.90
N GLY A 507 -10.52 22.77 -0.79
CA GLY A 507 -9.76 23.09 0.41
C GLY A 507 -8.26 23.07 0.13
N ASP A 508 -7.48 23.57 1.10
CA ASP A 508 -6.07 23.86 0.93
C ASP A 508 -5.18 22.76 1.48
N TYR A 509 -5.79 21.68 2.01
CA TYR A 509 -5.06 20.57 2.61
C TYR A 509 -5.48 19.28 1.92
N THR A 510 -4.83 18.18 2.31
CA THR A 510 -5.08 16.88 1.72
C THR A 510 -5.67 15.95 2.79
N GLU A 511 -6.95 15.60 2.59
CA GLU A 511 -7.64 14.58 3.38
C GLU A 511 -7.62 14.93 4.86
N GLY A 512 -7.44 16.20 5.16
CA GLY A 512 -7.28 16.66 6.52
C GLY A 512 -7.36 18.18 6.61
N ASN A 513 -6.75 18.75 7.64
CA ASN A 513 -6.97 20.15 7.97
C ASN A 513 -5.66 20.77 8.47
N ALA A 514 -5.74 22.06 8.83
CA ALA A 514 -4.57 22.79 9.31
C ALA A 514 -4.09 22.21 10.64
N TRP A 515 -5.01 21.68 11.46
CA TRP A 515 -4.59 21.08 12.71
C TRP A 515 -3.57 19.96 12.47
N GLN A 516 -3.75 19.18 11.40
CA GLN A 516 -2.83 18.11 11.07
C GLN A 516 -1.58 18.65 10.38
N TYR A 517 -1.75 19.51 9.38
CA TYR A 517 -0.65 19.90 8.51
C TYR A 517 0.31 20.89 9.17
N THR A 518 -0.10 21.51 10.28
CA THR A 518 0.77 22.44 10.98
C THR A 518 2.08 21.76 11.40
N TRP A 519 2.04 20.42 11.52
CA TRP A 519 3.15 19.65 12.04
C TRP A 519 4.00 19.02 10.94
N HIS A 520 3.70 19.32 9.67
CA HIS A 520 4.27 18.58 8.56
C HIS A 520 5.60 19.20 8.13
N VAL A 521 6.59 19.14 9.05
CA VAL A 521 7.94 19.60 8.81
C VAL A 521 8.90 18.53 9.35
N GLN A 522 8.87 17.35 8.72
CA GLN A 522 9.58 16.18 9.22
C GLN A 522 11.09 16.42 9.28
N HIS A 523 11.60 17.21 8.33
CA HIS A 523 13.04 17.36 8.18
C HIS A 523 13.63 18.40 9.14
N ASP A 524 12.78 19.19 9.81
CA ASP A 524 13.29 20.31 10.59
C ASP A 524 12.35 20.58 11.75
N VAL A 525 12.15 19.56 12.57
CA VAL A 525 11.34 19.69 13.76
C VAL A 525 11.93 20.79 14.66
N PRO A 526 13.27 20.91 14.86
CA PRO A 526 13.80 22.04 15.62
C PRO A 526 13.39 23.41 15.06
N GLY A 527 13.44 23.53 13.72
CA GLY A 527 12.98 24.75 13.07
C GLY A 527 11.51 25.06 13.33
N LEU A 528 10.68 24.02 13.34
CA LEU A 528 9.25 24.21 13.61
C LEU A 528 9.05 24.61 15.07
N ILE A 529 9.73 23.95 15.99
CA ILE A 529 9.67 24.34 17.40
C ILE A 529 10.05 25.83 17.55
N SER A 530 11.07 26.27 16.80
CA SER A 530 11.52 27.64 16.86
C SER A 530 10.42 28.60 16.37
N LEU A 531 9.69 28.21 15.31
CA LEU A 531 8.62 29.04 14.77
C LEU A 531 7.57 29.29 15.84
N PHE A 532 7.33 28.27 16.68
CA PHE A 532 6.35 28.34 17.75
C PHE A 532 6.81 29.22 18.91
N GLY A 533 8.11 29.52 18.97
CA GLY A 533 8.68 30.27 20.06
C GLY A 533 9.31 29.39 21.13
N GLY A 534 9.54 28.11 20.82
CA GLY A 534 10.20 27.19 21.75
C GLY A 534 9.33 25.99 22.10
N GLU A 535 9.87 25.08 22.91
CA GLU A 535 9.22 23.84 23.25
C GLU A 535 7.89 24.07 23.96
N GLU A 536 7.84 25.07 24.86
CA GLU A 536 6.66 25.24 25.70
C GLU A 536 5.44 25.54 24.83
N PRO A 537 5.43 26.59 23.98
CA PRO A 537 4.26 26.86 23.14
C PRO A 537 3.97 25.75 22.12
N PHE A 538 5.02 25.07 21.66
CA PHE A 538 4.89 23.94 20.75
C PHE A 538 4.07 22.82 21.40
N LEU A 539 4.47 22.46 22.63
CA LEU A 539 3.80 21.41 23.39
C LEU A 539 2.37 21.80 23.74
N ASN A 540 2.14 23.09 24.05
CA ASN A 540 0.81 23.57 24.38
C ASN A 540 -0.13 23.37 23.18
N LYS A 541 0.37 23.63 21.97
CA LYS A 541 -0.43 23.48 20.76
C LYS A 541 -0.68 22.00 20.48
N LEU A 542 0.31 21.13 20.71
CA LEU A 542 0.11 19.69 20.54
C LEU A 542 -0.99 19.22 21.48
N ASP A 543 -0.98 19.69 22.73
CA ASP A 543 -1.99 19.30 23.70
C ASP A 543 -3.38 19.62 23.16
N SER A 544 -3.51 20.76 22.48
CA SER A 544 -4.79 21.16 21.90
C SER A 544 -5.18 20.20 20.77
N LEU A 545 -4.22 19.84 19.91
CA LEU A 545 -4.50 18.93 18.81
C LEU A 545 -5.18 17.66 19.33
N PHE A 546 -4.63 17.10 20.41
CA PHE A 546 -5.05 15.79 20.89
C PHE A 546 -6.34 15.87 21.72
N THR A 547 -6.88 17.07 21.98
CA THR A 547 -8.07 17.20 22.80
C THR A 547 -9.28 17.83 22.08
N LEU A 548 -9.09 18.36 20.87
CA LEU A 548 -10.14 19.14 20.20
C LEU A 548 -11.12 18.22 19.45
N LYS A 549 -12.38 18.20 19.91
CA LYS A 549 -13.44 17.45 19.26
C LYS A 549 -14.48 18.44 18.70
N LEU A 550 -15.04 18.11 17.53
CA LEU A 550 -16.06 18.92 16.87
C LEU A 550 -17.44 18.30 17.10
N GLU A 551 -18.44 19.16 17.29
CA GLU A 551 -19.77 18.72 17.70
C GLU A 551 -20.74 18.72 16.52
N THR A 552 -20.56 19.66 15.57
CA THR A 552 -21.54 19.87 14.50
C THR A 552 -21.10 19.23 13.19
N THR A 553 -19.87 18.71 13.15
CA THR A 553 -19.29 18.15 11.93
C THR A 553 -18.47 16.92 12.31
N GLN A 554 -17.86 16.28 11.29
CA GLN A 554 -16.92 15.20 11.48
C GLN A 554 -17.67 14.01 12.09
N ALA A 555 -18.56 13.43 11.28
CA ALA A 555 -19.50 12.42 11.73
C ALA A 555 -18.76 11.21 12.29
N ASP A 556 -17.96 10.53 11.46
CA ASP A 556 -17.19 9.40 11.96
C ASP A 556 -15.85 9.91 12.50
N VAL A 557 -15.63 9.60 13.79
CA VAL A 557 -14.42 9.96 14.48
C VAL A 557 -13.47 8.76 14.45
N THR A 558 -13.65 7.88 13.45
CA THR A 558 -12.78 6.72 13.31
C THR A 558 -11.33 7.18 13.16
N GLY A 559 -10.48 6.69 14.07
CA GLY A 559 -9.04 6.97 14.01
C GLY A 559 -8.62 8.27 14.69
N LEU A 560 -9.60 9.06 15.18
CA LEU A 560 -9.33 10.39 15.70
C LEU A 560 -9.06 10.35 17.20
N ILE A 561 -7.99 11.06 17.62
CA ILE A 561 -7.75 11.44 19.01
C ILE A 561 -7.68 12.96 19.00
N GLY A 562 -8.78 13.62 19.39
CA GLY A 562 -8.94 15.03 19.05
C GLY A 562 -8.96 15.23 17.54
N GLN A 563 -8.05 16.07 17.01
CA GLN A 563 -7.95 16.27 15.58
C GLN A 563 -6.79 15.45 15.00
N TYR A 564 -6.05 14.73 15.86
CA TYR A 564 -5.10 13.74 15.40
C TYR A 564 -5.87 12.62 14.72
N ALA A 565 -5.53 12.34 13.45
CA ALA A 565 -6.25 11.36 12.67
C ALA A 565 -5.30 10.24 12.27
N HIS A 566 -5.37 9.10 12.96
CA HIS A 566 -4.35 8.07 12.78
C HIS A 566 -4.38 7.48 11.36
N GLY A 567 -5.56 7.48 10.70
CA GLY A 567 -5.69 6.96 9.34
C GLY A 567 -5.22 7.90 8.22
N ASN A 568 -4.88 9.14 8.61
CA ASN A 568 -4.40 10.13 7.67
C ASN A 568 -2.89 10.27 7.86
N GLU A 569 -2.18 9.92 6.79
CA GLU A 569 -0.73 9.76 6.83
C GLU A 569 0.00 11.00 7.30
N PRO A 570 -0.42 12.24 6.96
CA PRO A 570 0.20 13.45 7.52
C PRO A 570 0.35 13.45 9.04
N SER A 571 -0.52 12.71 9.72
CA SER A 571 -0.51 12.62 11.17
C SER A 571 0.52 11.63 11.70
N HIS A 572 1.06 10.74 10.85
CA HIS A 572 1.75 9.57 11.36
C HIS A 572 2.98 9.87 12.22
N HIS A 573 3.70 10.97 11.95
CA HIS A 573 4.86 11.30 12.76
C HIS A 573 4.52 12.12 14.00
N ILE A 574 3.26 12.57 14.17
CA ILE A 574 2.95 13.62 15.14
C ILE A 574 3.15 13.16 16.58
N THR A 575 2.76 11.94 16.93
CA THR A 575 2.88 11.56 18.35
C THR A 575 4.33 11.62 18.83
N TYR A 576 5.28 11.36 17.93
CA TYR A 576 6.71 11.39 18.22
C TYR A 576 7.24 12.80 18.46
N LEU A 577 6.46 13.84 18.10
CA LEU A 577 6.91 15.21 18.27
C LEU A 577 6.99 15.58 19.75
N TYR A 578 6.18 14.95 20.61
CA TYR A 578 6.30 15.20 22.03
C TYR A 578 7.71 14.84 22.51
N ALA A 579 8.22 13.67 22.12
CA ALA A 579 9.57 13.25 22.50
C ALA A 579 10.59 14.23 21.97
N LEU A 580 10.39 14.71 20.73
CA LEU A 580 11.38 15.58 20.12
C LEU A 580 11.36 16.98 20.74
N ALA A 581 10.30 17.31 21.50
CA ALA A 581 10.22 18.58 22.21
C ALA A 581 10.43 18.39 23.72
N GLY A 582 10.91 17.22 24.14
CA GLY A 582 11.38 17.03 25.50
C GLY A 582 10.32 16.47 26.46
N ARG A 583 9.20 15.94 25.92
CA ARG A 583 8.19 15.29 26.74
C ARG A 583 7.92 13.88 26.20
N PRO A 584 8.92 12.96 26.21
CA PRO A 584 8.73 11.64 25.62
C PRO A 584 7.65 10.79 26.28
N GLU A 585 7.36 11.04 27.57
CA GLU A 585 6.35 10.23 28.24
C GLU A 585 5.00 10.39 27.54
N ARG A 586 4.72 11.55 26.92
CA ARG A 586 3.46 11.72 26.24
C ARG A 586 3.44 10.90 24.94
N THR A 587 4.56 10.85 24.21
CA THR A 587 4.65 9.97 23.06
C THR A 587 4.37 8.52 23.48
N GLN A 588 4.95 8.12 24.61
CA GLN A 588 4.82 6.77 25.11
C GLN A 588 3.34 6.45 25.41
N GLU A 589 2.62 7.37 26.07
CA GLU A 589 1.19 7.21 26.34
C GLU A 589 0.39 7.12 25.05
N LEU A 590 0.68 7.99 24.08
CA LEU A 590 -0.14 8.08 22.87
C LEU A 590 0.06 6.87 21.97
N VAL A 591 1.29 6.38 21.84
CA VAL A 591 1.52 5.19 21.02
C VAL A 591 0.75 4.02 21.63
N ARG A 592 0.77 3.91 22.97
CA ARG A 592 0.03 2.83 23.61
C ARG A 592 -1.47 2.98 23.34
N GLU A 593 -1.99 4.21 23.38
CA GLU A 593 -3.41 4.44 23.14
C GLU A 593 -3.78 3.98 21.72
N ILE A 594 -2.93 4.30 20.75
CA ILE A 594 -3.16 3.90 19.36
C ILE A 594 -3.17 2.36 19.28
N PHE A 595 -2.20 1.69 19.92
CA PHE A 595 -2.18 0.24 19.94
C PHE A 595 -3.45 -0.33 20.59
N ASP A 596 -3.94 0.32 21.63
CA ASP A 596 -5.10 -0.16 22.37
C ASP A 596 -6.39 -0.04 21.54
N THR A 597 -6.45 0.90 20.59
CA THR A 597 -7.73 1.27 20.02
C THR A 597 -7.81 1.06 18.51
N GLN A 598 -6.69 1.21 17.78
CA GLN A 598 -6.73 1.40 16.34
C GLN A 598 -6.39 0.14 15.55
N TYR A 599 -5.81 -0.89 16.21
CA TYR A 599 -5.45 -2.13 15.54
C TYR A 599 -5.84 -3.34 16.38
N HIS A 600 -6.87 -4.05 15.91
CA HIS A 600 -7.33 -5.28 16.52
C HIS A 600 -7.30 -6.39 15.48
N PRO A 601 -7.08 -7.65 15.89
CA PRO A 601 -6.97 -8.78 14.96
C PRO A 601 -8.33 -9.35 14.55
N GLU A 602 -9.11 -8.51 13.87
CA GLU A 602 -10.46 -8.82 13.45
C GLU A 602 -10.69 -8.20 12.09
N PRO A 603 -11.62 -8.74 11.27
CA PRO A 603 -11.94 -8.11 9.98
C PRO A 603 -12.20 -6.62 10.06
N ASP A 604 -12.97 -6.18 11.07
CA ASP A 604 -13.35 -4.79 11.29
CA ASP A 604 -13.29 -4.76 11.23
C ASP A 604 -12.41 -4.14 12.31
N GLY A 605 -11.20 -4.68 12.45
CA GLY A 605 -10.29 -4.29 13.51
C GLY A 605 -9.35 -3.13 13.19
N LEU A 606 -9.39 -2.59 11.96
CA LEU A 606 -8.54 -1.46 11.60
C LEU A 606 -9.34 -0.15 11.67
N CYS A 607 -8.64 0.96 11.98
CA CYS A 607 -9.16 2.31 12.06
C CYS A 607 -9.26 2.96 10.68
N GLY A 608 -8.57 2.38 9.70
CA GLY A 608 -8.46 2.99 8.40
C GLY A 608 -7.85 2.03 7.39
N ASN A 609 -7.90 2.44 6.14
CA ASN A 609 -7.34 1.66 5.04
C ASN A 609 -5.86 1.44 5.26
N ASP A 610 -5.36 0.25 4.89
CA ASP A 610 -3.97 -0.08 5.13
C ASP A 610 -3.02 0.81 4.32
N ASP A 611 -3.48 1.34 3.18
CA ASP A 611 -2.70 2.31 2.40
C ASP A 611 -1.41 1.65 1.91
N CYS A 612 -1.55 0.50 1.22
CA CYS A 612 -0.43 -0.18 0.57
C CYS A 612 0.71 -0.43 1.56
N GLY A 613 0.36 -0.85 2.77
CA GLY A 613 1.35 -1.25 3.75
C GLY A 613 1.80 -0.14 4.69
N GLN A 614 1.39 1.11 4.49
CA GLN A 614 1.89 2.19 5.33
C GLN A 614 1.34 2.11 6.75
N MET A 615 0.04 1.82 6.91
CA MET A 615 -0.50 1.69 8.25
C MET A 615 0.15 0.53 8.99
N SER A 616 0.47 -0.52 8.26
CA SER A 616 1.12 -1.71 8.77
C SER A 616 2.57 -1.43 9.17
N ALA A 617 3.29 -0.66 8.35
CA ALA A 617 4.67 -0.35 8.66
C ALA A 617 4.72 0.57 9.89
N TRP A 618 3.74 1.47 10.03
CA TRP A 618 3.66 2.32 11.20
C TRP A 618 3.59 1.46 12.46
N TYR A 619 2.70 0.47 12.43
CA TYR A 619 2.51 -0.45 13.54
C TYR A 619 3.81 -1.19 13.87
N MET A 620 4.48 -1.73 12.85
CA MET A 620 5.65 -2.56 13.13
C MET A 620 6.78 -1.74 13.74
N PHE A 621 7.05 -0.55 13.20
CA PHE A 621 8.08 0.30 13.78
C PHE A 621 7.68 0.72 15.20
N SER A 622 6.45 1.17 15.36
CA SER A 622 6.01 1.66 16.66
C SER A 622 6.05 0.54 17.71
N ALA A 623 5.82 -0.72 17.29
CA ALA A 623 5.90 -1.86 18.20
C ALA A 623 7.32 -2.05 18.72
N MET A 624 8.32 -1.75 17.88
CA MET A 624 9.74 -1.87 18.22
CA MET A 624 9.71 -1.92 18.30
C MET A 624 10.19 -0.68 19.08
N GLY A 625 9.36 0.36 19.14
CA GLY A 625 9.63 1.52 19.96
C GLY A 625 10.35 2.68 19.26
N PHE A 626 10.49 2.65 17.93
CA PHE A 626 11.15 3.73 17.22
C PHE A 626 10.55 3.91 15.84
N TYR A 627 10.62 5.14 15.32
CA TYR A 627 9.88 5.49 14.12
C TYR A 627 10.64 6.50 13.27
N PRO A 628 10.64 6.34 11.93
CA PRO A 628 11.35 7.25 11.01
C PRO A 628 10.59 8.55 10.73
N VAL A 629 10.63 9.45 11.71
CA VAL A 629 9.97 10.73 11.59
C VAL A 629 10.46 11.42 10.32
N ASP A 630 11.79 11.44 10.14
CA ASP A 630 12.44 11.98 8.97
C ASP A 630 13.06 10.82 8.20
N PRO A 631 12.37 10.21 7.22
CA PRO A 631 12.86 8.99 6.58
C PRO A 631 14.27 9.09 5.99
N VAL A 632 14.56 10.19 5.30
CA VAL A 632 15.86 10.34 4.65
C VAL A 632 16.98 10.38 5.69
N SER A 633 16.74 10.89 6.91
CA SER A 633 17.79 10.96 7.94
C SER A 633 18.34 9.59 8.32
N GLY A 634 17.50 8.56 8.25
CA GLY A 634 17.85 7.25 8.75
C GLY A 634 17.95 7.18 10.28
N ASN A 635 17.38 8.19 10.97
CA ASN A 635 17.27 8.17 12.41
C ASN A 635 15.85 7.80 12.83
N TYR A 636 15.75 6.89 13.80
CA TYR A 636 14.47 6.38 14.25
C TYR A 636 14.23 6.88 15.67
N VAL A 637 13.19 7.71 15.82
CA VAL A 637 12.90 8.43 17.05
C VAL A 637 12.15 7.50 18.00
N PHE A 638 12.58 7.42 19.26
CA PHE A 638 11.94 6.54 20.22
C PHE A 638 10.54 7.04 20.61
N GLY A 639 9.62 6.08 20.62
CA GLY A 639 8.37 6.20 21.35
C GLY A 639 8.35 5.25 22.53
N ALA A 640 7.66 4.11 22.39
CA ALA A 640 7.76 3.03 23.36
C ALA A 640 7.49 1.71 22.67
N PRO A 641 8.24 0.65 23.02
CA PRO A 641 7.94 -0.67 22.46
C PRO A 641 6.59 -1.14 23.00
N GLN A 642 5.92 -2.03 22.26
CA GLN A 642 4.58 -2.44 22.60
C GLN A 642 4.44 -3.94 22.81
N MET A 643 5.54 -4.69 22.66
CA MET A 643 5.55 -6.12 22.90
C MET A 643 6.79 -6.46 23.72
N PRO A 644 6.73 -7.55 24.53
CA PRO A 644 7.85 -7.92 25.39
C PRO A 644 9.19 -8.09 24.69
N LYS A 645 9.22 -8.70 23.50
CA LYS A 645 10.47 -8.90 22.78
C LYS A 645 10.21 -9.00 21.28
N ILE A 646 11.08 -8.34 20.49
CA ILE A 646 11.06 -8.40 19.04
C ILE A 646 12.49 -8.57 18.58
N VAL A 647 12.75 -9.64 17.81
CA VAL A 647 14.07 -9.91 17.28
C VAL A 647 14.06 -9.72 15.77
N LEU A 648 14.93 -8.83 15.28
CA LEU A 648 15.14 -8.65 13.85
C LEU A 648 16.31 -9.50 13.37
N HIS A 649 16.05 -10.32 12.37
CA HIS A 649 17.09 -11.06 11.67
C HIS A 649 17.50 -10.27 10.44
N LEU A 650 18.70 -9.69 10.50
CA LEU A 650 19.20 -8.78 9.49
C LEU A 650 19.91 -9.54 8.37
N ALA A 651 20.08 -8.86 7.24
CA ALA A 651 20.44 -9.51 5.99
C ALA A 651 21.79 -10.21 6.05
N ASP A 652 22.70 -9.73 6.91
CA ASP A 652 24.05 -10.27 6.95
C ASP A 652 24.21 -11.31 8.06
N GLY A 653 23.11 -11.78 8.64
CA GLY A 653 23.16 -12.80 9.68
C GLY A 653 23.18 -12.22 11.10
N LYS A 654 23.31 -10.90 11.23
CA LYS A 654 23.27 -10.27 12.54
C LYS A 654 21.84 -10.21 13.04
N THR A 655 21.70 -10.05 14.36
CA THR A 655 20.39 -9.93 14.99
C THR A 655 20.37 -8.63 15.79
N PHE A 656 19.20 -7.99 15.78
CA PHE A 656 18.95 -6.85 16.64
C PHE A 656 17.73 -7.17 17.50
N THR A 657 17.96 -7.26 18.81
CA THR A 657 16.95 -7.71 19.74
C THR A 657 16.43 -6.52 20.52
N VAL A 658 15.11 -6.35 20.52
CA VAL A 658 14.46 -5.29 21.27
C VAL A 658 13.71 -5.94 22.44
N ILE A 659 13.99 -5.48 23.66
CA ILE A 659 13.32 -5.99 24.85
C ILE A 659 12.61 -4.86 25.57
N ALA A 660 11.31 -5.05 25.80
CA ALA A 660 10.51 -4.13 26.60
C ALA A 660 10.38 -4.74 27.98
N ASP A 661 11.41 -4.51 28.79
CA ASP A 661 11.64 -5.20 30.04
C ASP A 661 10.67 -4.67 31.10
N GLY A 662 9.62 -5.45 31.39
CA GLY A 662 8.63 -5.12 32.40
C GLY A 662 7.38 -4.46 31.80
N ILE A 663 7.18 -4.57 30.49
CA ILE A 663 6.00 -3.99 29.86
C ILE A 663 4.75 -4.66 30.40
N SER A 664 3.73 -3.84 30.70
CA SER A 664 2.41 -4.34 31.08
C SER A 664 1.37 -3.25 30.83
N LYS A 665 0.13 -3.50 31.24
CA LYS A 665 -0.97 -2.60 30.97
C LYS A 665 -0.66 -1.18 31.45
N GLU A 666 -0.20 -1.03 32.70
CA GLU A 666 0.08 0.29 33.24
C GLU A 666 1.58 0.63 33.16
N HIS A 667 2.44 -0.38 33.01
CA HIS A 667 3.87 -0.11 32.87
C HIS A 667 4.19 0.10 31.38
N LYS A 668 3.96 1.34 30.96
CA LYS A 668 3.99 1.71 29.54
C LYS A 668 5.00 2.84 29.29
N TYR A 669 5.69 3.29 30.32
CA TYR A 669 6.65 4.38 30.18
C TYR A 669 8.07 3.83 30.23
N ILE A 670 9.02 4.62 29.74
CA ILE A 670 10.41 4.19 29.68
C ILE A 670 11.20 4.84 30.82
N ASP A 671 11.79 4.01 31.68
CA ASP A 671 12.66 4.47 32.74
C ASP A 671 14.06 4.77 32.20
N SER A 672 14.54 3.88 31.33
CA SER A 672 15.90 3.96 30.81
C SER A 672 16.00 3.09 29.57
N ILE A 673 17.02 3.37 28.74
CA ILE A 673 17.35 2.60 27.57
C ILE A 673 18.83 2.21 27.64
N THR A 674 19.12 0.95 27.33
CA THR A 674 20.49 0.50 27.17
C THR A 674 20.67 -0.07 25.77
N LEU A 675 21.80 0.25 25.14
CA LEU A 675 22.16 -0.34 23.87
C LEU A 675 23.47 -1.09 24.05
N ASN A 676 23.41 -2.41 23.81
CA ASN A 676 24.55 -3.29 24.01
C ASN A 676 25.12 -3.12 25.41
N GLY A 677 24.23 -3.08 26.41
CA GLY A 677 24.62 -3.07 27.81
C GLY A 677 25.02 -1.70 28.36
N GLU A 678 25.07 -0.66 27.51
CA GLU A 678 25.55 0.64 27.95
C GLU A 678 24.37 1.61 27.96
N PRO A 679 24.35 2.58 28.90
CA PRO A 679 23.32 3.61 28.90
C PRO A 679 23.27 4.33 27.56
N TYR A 680 22.04 4.51 27.07
CA TYR A 680 21.81 5.19 25.80
C TYR A 680 20.82 6.33 26.04
N THR A 681 21.24 7.56 25.75
CA THR A 681 20.51 8.74 26.17
C THR A 681 20.01 9.60 25.01
N LYS A 682 20.32 9.23 23.75
CA LYS A 682 19.80 9.98 22.62
C LYS A 682 18.31 9.68 22.47
N ASN A 683 17.60 10.57 21.76
CA ASN A 683 16.16 10.42 21.58
C ASN A 683 15.85 9.64 20.31
N TYR A 684 16.89 9.11 19.65
CA TYR A 684 16.74 8.35 18.43
C TYR A 684 17.85 7.28 18.36
N ILE A 685 17.65 6.30 17.48
CA ILE A 685 18.71 5.36 17.12
C ILE A 685 18.91 5.39 15.60
N SER A 686 20.18 5.34 15.16
CA SER A 686 20.48 5.38 13.74
C SER A 686 20.27 4.02 13.08
N HIS A 687 20.03 4.10 11.77
CA HIS A 687 19.98 2.93 10.91
C HIS A 687 21.26 2.11 11.06
N GLU A 688 22.41 2.79 11.09
CA GLU A 688 23.70 2.13 11.18
C GLU A 688 23.81 1.34 12.49
N ASP A 689 23.32 1.91 13.59
CA ASP A 689 23.41 1.24 14.87
C ASP A 689 22.51 0.00 14.89
N ILE A 690 21.36 0.04 14.23
CA ILE A 690 20.52 -1.15 14.15
C ILE A 690 21.26 -2.24 13.35
N LEU A 691 21.83 -1.86 12.21
CA LEU A 691 22.44 -2.84 11.31
C LEU A 691 23.68 -3.49 11.92
N LYS A 692 24.29 -2.84 12.92
CA LYS A 692 25.45 -3.42 13.60
C LYS A 692 25.04 -4.62 14.46
N GLY A 693 23.74 -4.72 14.75
CA GLY A 693 23.22 -5.79 15.59
C GLY A 693 23.44 -5.49 17.07
N GLY A 694 22.81 -6.30 17.92
CA GLY A 694 22.95 -6.17 19.36
C GLY A 694 21.59 -6.19 20.06
N THR A 695 21.51 -5.51 21.20
CA THR A 695 20.36 -5.57 22.06
C THR A 695 20.04 -4.18 22.60
N LEU A 696 18.77 -3.83 22.42
CA LEU A 696 18.19 -2.59 22.88
C LEU A 696 17.18 -2.95 23.97
N VAL A 697 17.43 -2.49 25.20
CA VAL A 697 16.55 -2.82 26.31
C VAL A 697 15.90 -1.53 26.80
N TYR A 698 14.57 -1.50 26.71
CA TYR A 698 13.78 -0.46 27.32
C TYR A 698 13.29 -0.95 28.67
N LYS A 699 13.72 -0.31 29.75
CA LYS A 699 13.21 -0.66 31.07
C LYS A 699 11.91 0.10 31.30
N MET A 700 10.81 -0.65 31.43
CA MET A 700 9.49 -0.06 31.48
C MET A 700 9.10 0.21 32.94
N LYS A 701 8.25 1.22 33.13
CA LYS A 701 7.83 1.63 34.46
C LYS A 701 6.41 2.19 34.41
N LEU A 702 5.84 2.33 35.60
CA LEU A 702 4.51 2.88 35.84
C LEU A 702 4.60 4.40 36.02
N GLU A 703 5.65 4.85 36.71
CA GLU A 703 5.79 6.22 37.18
C GLU A 703 5.99 7.15 35.99
N HIS A 704 5.32 8.30 36.03
CA HIS A 704 5.40 9.29 34.96
C HIS A 704 5.23 10.71 35.52
K K B . -8.92 -3.37 -14.26
K K C . -17.43 -1.42 -6.76
K K D . -14.07 -18.35 8.47
NA NA E . 11.27 7.60 2.19
NA NA F . 8.18 9.54 8.10
NA NA G . 4.23 -7.92 -18.14
NA NA H . 5.21 9.48 9.39
NA NA I . -7.85 -0.10 -15.42
NA NA J . 12.35 1.48 0.53
NA NA K . 14.00 4.37 0.46
NA NA L . -17.83 -21.19 2.49
NA NA M . -22.55 -33.95 -15.00
NA NA N . -26.22 -9.44 -5.87
NA NA O . -20.29 -31.85 -16.23
NA NA P . 4.72 2.68 -11.60
NA NA Q . 7.88 1.80 -11.18
CA CA R . -5.05 7.25 4.62
#